data_3NJ3
#
_entry.id   3NJ3
#
_cell.length_a   58.338
_cell.length_b   58.576
_cell.length_c   61.659
_cell.angle_alpha   84.90
_cell.angle_beta   70.86
_cell.angle_gamma   68.93
#
_symmetry.space_group_name_H-M   'P 1'
#
loop_
_entity.id
_entity.type
_entity.pdbx_description
1 polymer Endo-1,4-beta-xylanase
2 branched beta-D-xylopyranose-(1-4)-beta-D-xylopyranose
3 non-polymer 'ACETATE ION'
4 non-polymer 'SULFATE ION'
5 water water
#
_entity_poly.entity_id   1
_entity_poly.type   'polypeptide(L)'
_entity_poly.pdbx_seq_one_letter_code
;MGHHHHHHENLYFQGHMQNVSLRELAEKLNIYIGFAAINNFWSLSDEEKYMEVARREFNILTPENQMKWDTIHPERDRYN
FTPAEKHVEFAEENNMIVHGHTLVWHNQLPGWITGREWTKEELLNVLEDHIKTVVSHFKGRVKIWDVVNEAVSDSGTYRE
SVWYKTIGPEYIEKAFRWTKEADPDAILIYNDYSIEEINAKSNFVYNMIKELKEKGVPVDGIGFQMHIDYRGLNYDSFRR
NLERFAKLGLQIYITEMDVRIPLSGSEDYYLKKQAEICAKIFDICLDNPAVKAIQFWGFTDKYSWVPGFFKGYGKALLFD
ENYNPKPCYYAIKEVLEKKIE
;
_entity_poly.pdbx_strand_id   A,B
#
loop_
_chem_comp.id
_chem_comp.type
_chem_comp.name
_chem_comp.formula
ACT non-polymer 'ACETATE ION' 'C2 H3 O2 -1'
SO4 non-polymer 'SULFATE ION' 'O4 S -2'
XYP D-saccharide, beta linking beta-D-xylopyranose 'C5 H10 O5'
#
# COMPACT_ATOMS: atom_id res chain seq x y z
N GLY A 15 22.04 38.87 21.60
CA GLY A 15 22.29 37.82 22.64
C GLY A 15 22.26 36.44 22.02
N HIS A 16 21.68 35.50 22.75
CA HIS A 16 21.41 34.18 22.17
C HIS A 16 20.31 33.50 22.97
N MET A 17 19.83 32.39 22.43
CA MET A 17 18.59 31.77 22.90
C MET A 17 18.70 31.26 24.33
N GLN A 18 17.60 31.33 25.08
CA GLN A 18 17.66 31.01 26.53
C GLN A 18 17.82 29.54 26.91
N ASN A 19 17.05 28.65 26.28
CA ASN A 19 17.12 27.22 26.58
C ASN A 19 18.05 26.60 25.55
N VAL A 20 18.97 25.79 26.04
CA VAL A 20 20.01 25.23 25.22
C VAL A 20 19.67 23.75 25.27
N SER A 21 18.83 23.33 24.32
CA SER A 21 18.24 21.98 24.29
C SER A 21 19.19 20.98 23.66
N LEU A 22 18.88 19.69 23.84
CA LEU A 22 19.74 18.68 23.22
C LEU A 22 19.70 18.79 21.70
N ARG A 23 18.53 19.05 21.13
CA ARG A 23 18.43 19.01 19.66
C ARG A 23 19.15 20.22 19.05
N GLU A 24 19.10 21.39 19.72
CA GLU A 24 19.93 22.55 19.26
C GLU A 24 21.40 22.26 19.21
N LEU A 25 21.88 21.60 20.28
CA LEU A 25 23.27 21.18 20.33
C LEU A 25 23.57 20.11 19.27
N ALA A 26 22.64 19.15 19.10
CA ALA A 26 22.76 18.11 18.06
C ALA A 26 22.94 18.75 16.69
N GLU A 27 22.10 19.73 16.33
CA GLU A 27 22.21 20.40 15.01
C GLU A 27 23.53 21.12 14.76
N LYS A 28 24.13 21.73 15.77
CA LYS A 28 25.46 22.35 15.62
C LYS A 28 26.54 21.29 15.42
N LEU A 29 26.29 20.06 15.90
CA LEU A 29 27.19 18.89 15.70
C LEU A 29 26.86 18.09 14.42
N ASN A 30 25.82 18.52 13.70
CA ASN A 30 25.32 17.82 12.50
C ASN A 30 24.99 16.35 12.77
N ILE A 31 24.29 16.14 13.89
CA ILE A 31 23.85 14.83 14.26
C ILE A 31 22.39 14.97 14.75
N TYR A 32 21.76 13.84 15.10
CA TYR A 32 20.36 13.85 15.56
C TYR A 32 20.32 13.25 16.96
N ILE A 33 19.43 13.73 17.83
CA ILE A 33 19.34 13.15 19.17
C ILE A 33 17.87 13.08 19.44
N GLY A 34 17.40 11.92 19.86
CA GLY A 34 15.94 11.71 19.96
C GLY A 34 15.55 10.49 20.75
N PHE A 35 14.41 9.92 20.34
CA PHE A 35 13.65 9.07 21.24
C PHE A 35 12.70 8.13 20.51
N ALA A 36 12.15 7.20 21.28
CA ALA A 36 11.12 6.39 20.77
C ALA A 36 9.81 6.87 21.39
N ALA A 37 8.84 7.10 20.48
CA ALA A 37 7.53 7.61 20.84
C ALA A 37 6.61 6.48 21.26
N ILE A 38 6.09 6.60 22.46
CA ILE A 38 5.10 5.62 22.91
C ILE A 38 3.87 5.52 22.02
N ASN A 39 3.30 4.29 21.97
CA ASN A 39 1.94 4.09 21.42
C ASN A 39 0.94 5.18 21.82
N ASN A 40 0.30 5.78 20.83
CA ASN A 40 -0.81 6.71 21.12
C ASN A 40 -0.36 7.85 22.02
N PHE A 41 0.82 8.39 21.78
CA PHE A 41 1.31 9.45 22.61
C PHE A 41 0.38 10.68 22.65
N TRP A 42 -0.42 10.88 21.60
CA TRP A 42 -1.29 12.04 21.50
C TRP A 42 -2.53 11.86 22.39
N SER A 43 -2.71 10.69 23.00
CA SER A 43 -3.90 10.56 23.84
C SER A 43 -3.57 10.11 25.23
N LEU A 44 -2.31 10.26 25.65
CA LEU A 44 -1.93 10.04 27.05
C LEU A 44 -2.67 11.05 27.93
N SER A 45 -2.90 10.65 29.18
CA SER A 45 -3.43 11.57 30.16
C SER A 45 -2.57 12.83 30.19
N ASP A 46 -1.25 12.65 30.15
CA ASP A 46 -0.31 13.78 30.15
C ASP A 46 0.25 14.05 28.75
N GLU A 47 -0.54 13.72 27.70
CA GLU A 47 -0.16 14.04 26.30
C GLU A 47 0.52 15.40 26.12
N GLU A 48 -0.08 16.45 26.69
CA GLU A 48 0.48 17.80 26.48
C GLU A 48 1.96 17.92 26.90
N LYS A 49 2.24 17.43 28.10
CA LYS A 49 3.55 17.58 28.66
C LYS A 49 4.57 16.74 27.90
N TYR A 50 4.24 15.45 27.72
CA TYR A 50 4.99 14.51 26.90
C TYR A 50 5.35 15.16 25.58
N MET A 51 4.36 15.64 24.83
CA MET A 51 4.64 16.20 23.52
C MET A 51 5.59 17.43 23.61
N GLU A 52 5.29 18.34 24.55
CA GLU A 52 6.16 19.52 24.77
C GLU A 52 7.64 19.19 25.07
N VAL A 53 7.88 18.22 25.94
CA VAL A 53 9.28 17.91 26.29
C VAL A 53 9.90 17.36 25.05
N ALA A 54 9.15 16.45 24.39
CA ALA A 54 9.71 15.81 23.23
C ALA A 54 10.09 16.84 22.13
N ARG A 55 9.17 17.72 21.72
CA ARG A 55 9.50 18.75 20.69
C ARG A 55 10.64 19.73 21.10
N ARG A 56 10.70 20.04 22.39
CA ARG A 56 11.75 20.94 22.89
C ARG A 56 13.09 20.29 22.74
N GLU A 57 13.19 18.98 22.98
CA GLU A 57 14.53 18.34 23.16
C GLU A 57 15.13 17.61 21.96
N PHE A 58 14.31 17.17 21.01
CA PHE A 58 14.69 16.07 20.10
C PHE A 58 14.42 16.39 18.63
N ASN A 59 15.23 15.85 17.74
CA ASN A 59 15.03 16.11 16.30
C ASN A 59 14.98 14.80 15.49
N ILE A 60 14.77 13.69 16.18
CA ILE A 60 14.55 12.36 15.54
C ILE A 60 13.62 11.53 16.39
N LEU A 61 12.73 10.83 15.70
CA LEU A 61 11.65 10.08 16.37
C LEU A 61 11.55 8.72 15.77
N THR A 62 11.50 7.69 16.60
CA THR A 62 11.25 6.30 16.16
C THR A 62 9.95 5.95 16.82
N PRO A 63 8.97 5.46 16.06
CA PRO A 63 7.75 4.97 16.74
C PRO A 63 8.08 3.70 17.53
N GLU A 64 7.68 3.65 18.80
CA GLU A 64 8.12 2.52 19.66
C GLU A 64 7.61 1.17 19.14
N ASN A 65 6.38 1.13 18.65
CA ASN A 65 5.70 -0.12 18.28
C ASN A 65 4.77 0.07 17.12
N GLN A 66 4.43 1.31 16.78
CA GLN A 66 3.30 1.50 15.86
C GLN A 66 3.59 1.36 14.36
N MET A 67 4.85 1.20 14.00
CA MET A 67 5.17 0.73 12.66
C MET A 67 5.49 -0.79 12.57
N LYS A 68 5.30 -1.51 13.68
CA LYS A 68 5.54 -2.97 13.71
C LYS A 68 4.41 -3.70 13.00
N TRP A 69 4.75 -4.91 12.62
CA TRP A 69 3.94 -5.74 11.76
C TRP A 69 2.56 -5.88 12.28
N ASP A 70 2.47 -6.21 13.58
CA ASP A 70 1.17 -6.25 14.36
C ASP A 70 0.15 -5.13 14.16
N THR A 71 0.63 -3.90 14.29
CA THR A 71 -0.23 -2.74 14.14
C THR A 71 -0.49 -2.38 12.68
N ILE A 72 0.59 -2.39 11.90
CA ILE A 72 0.48 -1.78 10.61
C ILE A 72 -0.13 -2.72 9.59
N HIS A 73 -0.06 -4.04 9.86
CA HIS A 73 -0.49 -5.02 8.84
C HIS A 73 -1.24 -6.09 9.58
N PRO A 74 -2.41 -5.76 10.15
CA PRO A 74 -2.97 -6.73 11.10
C PRO A 74 -3.67 -7.93 10.44
N GLU A 75 -3.87 -7.91 9.12
CA GLU A 75 -4.47 -9.07 8.41
C GLU A 75 -3.77 -9.13 7.09
N ARG A 76 -3.69 -10.33 6.49
CA ARG A 76 -2.90 -10.45 5.29
C ARG A 76 -3.25 -9.35 4.26
N ASP A 77 -4.51 -8.99 4.15
CA ASP A 77 -4.91 -8.10 3.06
C ASP A 77 -5.44 -6.79 3.59
N ARG A 78 -5.02 -6.42 4.79
CA ARG A 78 -5.33 -5.12 5.30
C ARG A 78 -4.13 -4.45 5.97
N TYR A 79 -3.92 -3.18 5.62
CA TYR A 79 -2.87 -2.33 6.20
C TYR A 79 -3.56 -1.24 6.98
N ASN A 80 -2.93 -0.85 8.09
CA ASN A 80 -3.42 0.20 8.90
C ASN A 80 -2.28 1.17 9.15
N PHE A 81 -2.28 2.25 8.41
CA PHE A 81 -1.21 3.24 8.59
C PHE A 81 -1.55 4.34 9.57
N THR A 82 -2.74 4.27 10.17
CA THR A 82 -3.32 5.39 10.98
C THR A 82 -2.41 5.83 12.14
N PRO A 83 -2.13 4.90 13.09
CA PRO A 83 -1.20 5.30 14.17
C PRO A 83 0.14 5.76 13.62
N ALA A 84 0.76 5.02 12.70
CA ALA A 84 2.04 5.43 12.18
C ALA A 84 1.96 6.88 11.63
N GLU A 85 0.88 7.21 10.91
CA GLU A 85 0.78 8.54 10.28
C GLU A 85 0.76 9.65 11.33
N LYS A 86 0.15 9.35 12.47
CA LYS A 86 0.19 10.29 13.55
C LYS A 86 1.59 10.55 14.09
N HIS A 87 2.43 9.49 14.24
CA HIS A 87 3.83 9.63 14.61
C HIS A 87 4.53 10.53 13.60
N VAL A 88 4.33 10.24 12.31
CA VAL A 88 5.04 11.00 11.24
C VAL A 88 4.61 12.48 11.21
N GLU A 89 3.32 12.72 11.39
CA GLU A 89 2.83 14.11 11.38
C GLU A 89 3.43 14.93 12.50
N PHE A 90 3.65 14.28 13.62
CA PHE A 90 4.17 14.96 14.77
C PHE A 90 5.64 15.27 14.55
N ALA A 91 6.42 14.33 14.01
CA ALA A 91 7.83 14.59 13.72
C ALA A 91 7.92 15.73 12.66
N GLU A 92 7.06 15.65 11.65
CA GLU A 92 7.05 16.67 10.58
C GLU A 92 6.72 18.09 11.06
N GLU A 93 5.76 18.20 11.99
CA GLU A 93 5.30 19.50 12.46
C GLU A 93 6.35 20.06 13.42
N ASN A 94 7.17 19.15 13.95
CA ASN A 94 8.15 19.48 14.87
C ASN A 94 9.58 19.41 14.35
N ASN A 95 9.73 19.53 13.02
CA ASN A 95 11.07 19.49 12.39
C ASN A 95 11.94 18.29 12.91
N MET A 96 11.32 17.16 13.20
CA MET A 96 12.07 15.94 13.46
C MET A 96 12.13 15.04 12.24
N ILE A 97 13.21 14.32 12.07
CA ILE A 97 13.15 13.23 11.11
C ILE A 97 12.60 11.93 11.72
N VAL A 98 12.18 11.03 10.86
CA VAL A 98 11.49 9.83 11.28
C VAL A 98 12.36 8.60 11.00
N HIS A 99 12.61 7.82 12.06
CA HIS A 99 13.35 6.59 12.02
C HIS A 99 12.37 5.40 12.09
N GLY A 100 12.29 4.68 10.99
CA GLY A 100 11.27 3.63 10.80
C GLY A 100 11.69 2.31 11.43
N HIS A 101 10.73 1.65 12.11
CA HIS A 101 11.03 0.49 12.98
C HIS A 101 9.85 -0.46 13.09
N THR A 102 9.92 -1.71 12.64
CA THR A 102 11.05 -2.31 11.88
C THR A 102 10.31 -3.23 10.91
N LEU A 103 10.95 -3.53 9.79
CA LEU A 103 10.31 -4.16 8.67
C LEU A 103 10.35 -5.68 8.83
N VAL A 104 11.46 -6.24 9.34
CA VAL A 104 11.55 -7.70 9.55
C VAL A 104 12.06 -8.00 10.93
N TRP A 105 11.23 -8.67 11.71
CA TRP A 105 11.58 -9.04 13.10
C TRP A 105 10.73 -10.29 13.53
N HIS A 106 11.16 -10.91 14.62
CA HIS A 106 10.62 -12.21 15.07
C HIS A 106 9.55 -12.02 16.09
N ASN A 107 9.50 -10.84 16.65
CA ASN A 107 8.47 -10.52 17.66
C ASN A 107 7.38 -9.59 17.12
N GLN A 108 6.30 -9.50 17.87
CA GLN A 108 5.16 -8.72 17.49
C GLN A 108 4.68 -8.99 16.06
N LEU A 109 4.51 -10.28 15.75
CA LEU A 109 3.95 -10.70 14.46
C LEU A 109 2.46 -11.04 14.64
N PRO A 110 1.61 -10.66 13.68
CA PRO A 110 0.21 -10.99 13.82
C PRO A 110 -0.08 -12.48 13.60
N GLY A 111 -1.30 -12.88 13.96
CA GLY A 111 -1.71 -14.27 13.99
C GLY A 111 -1.69 -14.87 12.62
N TRP A 112 -1.94 -14.07 11.59
CA TRP A 112 -2.02 -14.65 10.27
C TRP A 112 -0.62 -15.03 9.78
N ILE A 113 0.42 -14.56 10.46
CA ILE A 113 1.77 -15.04 10.18
C ILE A 113 2.13 -16.20 11.10
N THR A 114 1.96 -16.05 12.42
CA THR A 114 2.48 -17.09 13.34
C THR A 114 1.59 -18.33 13.38
N GLY A 115 0.36 -18.20 12.91
CA GLY A 115 -0.68 -19.22 13.09
C GLY A 115 -0.81 -20.24 11.96
N ARG A 116 0.12 -20.24 11.01
CA ARG A 116 0.13 -21.19 9.95
C ARG A 116 1.53 -21.57 9.46
N GLU A 117 1.62 -22.76 8.88
CA GLU A 117 2.85 -23.22 8.31
C GLU A 117 3.02 -22.56 6.96
N TRP A 118 4.26 -22.21 6.65
CA TRP A 118 4.58 -21.47 5.46
C TRP A 118 5.53 -22.31 4.70
N THR A 119 5.61 -22.12 3.39
CA THR A 119 6.73 -22.64 2.64
C THR A 119 7.57 -21.48 2.12
N LYS A 120 8.76 -21.78 1.61
CA LYS A 120 9.70 -20.72 1.26
C LYS A 120 9.11 -19.66 0.31
N GLU A 121 8.52 -20.09 -0.83
CA GLU A 121 8.02 -19.16 -1.88
C GLU A 121 6.89 -18.24 -1.38
N GLU A 122 6.04 -18.78 -0.52
CA GLU A 122 4.88 -18.06 -0.07
C GLU A 122 5.34 -16.98 0.95
N LEU A 123 6.23 -17.33 1.88
CA LEU A 123 6.75 -16.36 2.89
C LEU A 123 7.65 -15.33 2.26
N LEU A 124 8.37 -15.69 1.21
CA LEU A 124 9.08 -14.67 0.42
C LEU A 124 8.12 -13.63 -0.21
N ASN A 125 7.01 -14.12 -0.72
CA ASN A 125 5.96 -13.29 -1.35
C ASN A 125 5.24 -12.42 -0.33
N VAL A 126 4.96 -13.02 0.83
CA VAL A 126 4.44 -12.24 1.95
C VAL A 126 5.41 -11.13 2.37
N LEU A 127 6.69 -11.47 2.48
CA LEU A 127 7.71 -10.53 2.96
C LEU A 127 7.84 -9.33 2.00
N GLU A 128 7.97 -9.64 0.71
CA GLU A 128 8.08 -8.60 -0.32
C GLU A 128 6.86 -7.65 -0.33
N ASP A 129 5.68 -8.21 -0.17
CA ASP A 129 4.48 -7.39 -0.20
C ASP A 129 4.48 -6.49 1.01
N HIS A 130 4.83 -7.02 2.18
CA HIS A 130 4.80 -6.20 3.37
C HIS A 130 5.81 -5.04 3.17
N ILE A 131 7.03 -5.40 2.78
CA ILE A 131 8.09 -4.43 2.66
C ILE A 131 7.70 -3.36 1.62
N LYS A 132 7.30 -3.76 0.44
CA LYS A 132 7.07 -2.78 -0.61
C LYS A 132 5.86 -1.88 -0.20
N THR A 133 4.87 -2.43 0.49
CA THR A 133 3.69 -1.68 0.84
C THR A 133 4.00 -0.60 1.85
N VAL A 134 4.68 -0.96 2.94
CA VAL A 134 5.01 -0.02 4.03
C VAL A 134 6.09 0.97 3.60
N VAL A 135 7.12 0.49 2.89
CA VAL A 135 8.21 1.41 2.49
C VAL A 135 7.66 2.45 1.45
N SER A 136 6.88 1.98 0.45
CA SER A 136 6.31 2.89 -0.58
C SER A 136 5.32 3.87 0.05
N HIS A 137 4.57 3.39 1.04
CA HIS A 137 3.55 4.22 1.61
C HIS A 137 4.22 5.44 2.23
N PHE A 138 5.40 5.26 2.85
CA PHE A 138 6.10 6.31 3.60
C PHE A 138 7.33 6.81 2.83
N LYS A 139 7.39 6.52 1.53
CA LYS A 139 8.55 6.93 0.70
C LYS A 139 8.88 8.42 0.87
N GLY A 140 10.14 8.72 1.17
CA GLY A 140 10.53 10.10 1.38
C GLY A 140 10.17 10.74 2.73
N ARG A 141 9.29 10.12 3.50
CA ARG A 141 8.88 10.65 4.78
C ARG A 141 9.60 10.00 5.95
N VAL A 142 10.08 8.75 5.76
CA VAL A 142 10.91 8.02 6.73
C VAL A 142 12.35 8.05 6.20
N LYS A 143 13.26 8.68 6.94
CA LYS A 143 14.60 8.90 6.47
C LYS A 143 15.53 7.67 6.73
N ILE A 144 15.16 6.88 7.73
CA ILE A 144 15.99 5.75 8.15
C ILE A 144 15.09 4.58 8.44
N TRP A 145 15.40 3.47 7.76
CA TRP A 145 14.66 2.22 8.00
C TRP A 145 15.53 1.19 8.77
N ASP A 146 15.07 0.75 9.96
CA ASP A 146 15.54 -0.60 10.46
C ASP A 146 14.91 -1.70 9.62
N VAL A 147 15.62 -2.07 8.57
CA VAL A 147 15.13 -3.11 7.67
C VAL A 147 15.06 -4.47 8.35
N VAL A 148 16.19 -4.89 8.93
CA VAL A 148 16.20 -6.15 9.69
C VAL A 148 16.71 -5.88 11.10
N ASN A 149 15.96 -6.47 12.04
CA ASN A 149 16.11 -6.27 13.47
C ASN A 149 16.46 -7.61 14.11
N GLU A 150 17.61 -7.75 14.78
CA GLU A 150 17.92 -8.92 15.63
C GLU A 150 17.86 -10.27 14.92
N ALA A 151 18.62 -10.40 13.84
CA ALA A 151 18.67 -11.59 12.98
C ALA A 151 19.65 -12.65 13.51
N VAL A 152 20.30 -12.38 14.65
CA VAL A 152 21.48 -13.12 15.13
C VAL A 152 21.25 -13.54 16.59
N SER A 153 21.44 -14.84 16.83
CA SER A 153 21.19 -15.37 18.16
C SER A 153 22.21 -14.87 19.18
N ASP A 154 21.90 -15.12 20.44
CA ASP A 154 22.85 -14.88 21.47
C ASP A 154 24.00 -15.93 21.45
N SER A 155 24.07 -16.74 20.39
CA SER A 155 25.27 -17.53 20.10
C SER A 155 26.14 -17.02 18.90
N GLY A 156 25.77 -15.92 18.27
CA GLY A 156 26.40 -15.59 17.00
C GLY A 156 26.22 -16.68 15.96
N THR A 157 25.03 -17.27 15.91
CA THR A 157 24.52 -18.06 14.79
C THR A 157 23.32 -17.24 14.28
N TYR A 158 22.80 -17.54 13.09
CA TYR A 158 21.55 -16.89 12.63
C TYR A 158 20.42 -17.27 13.60
N ARG A 159 19.53 -16.31 13.92
CA ARG A 159 18.38 -16.55 14.85
C ARG A 159 17.33 -17.39 14.12
N GLU A 160 16.73 -18.35 14.83
CA GLU A 160 15.87 -19.36 14.21
C GLU A 160 14.43 -18.85 14.18
N SER A 161 14.23 -17.71 13.51
CA SER A 161 12.90 -17.11 13.40
C SER A 161 12.11 -17.77 12.30
N VAL A 162 10.82 -17.46 12.21
CA VAL A 162 9.99 -17.92 11.07
C VAL A 162 10.66 -17.58 9.73
N TRP A 163 11.23 -16.38 9.64
CA TRP A 163 11.94 -15.96 8.43
C TRP A 163 13.07 -16.91 8.11
N TYR A 164 14.00 -17.07 9.05
CA TYR A 164 15.15 -17.92 8.83
C TYR A 164 14.79 -19.38 8.54
N LYS A 165 13.90 -19.96 9.36
CA LYS A 165 13.55 -21.39 9.24
C LYS A 165 12.88 -21.68 7.90
N THR A 166 12.05 -20.75 7.40
CA THR A 166 11.27 -20.95 6.20
C THR A 166 12.13 -20.62 4.98
N ILE A 167 12.82 -19.50 5.04
CA ILE A 167 13.42 -18.96 3.83
C ILE A 167 14.91 -19.27 3.65
N GLY A 168 15.60 -19.44 4.78
CA GLY A 168 17.03 -19.40 4.79
C GLY A 168 17.55 -17.98 4.93
N PRO A 169 18.86 -17.82 5.12
CA PRO A 169 19.63 -16.59 5.22
C PRO A 169 19.31 -15.54 4.14
N GLU A 170 18.81 -15.98 2.98
CA GLU A 170 18.58 -15.02 1.91
C GLU A 170 17.46 -14.04 2.26
N TYR A 171 16.57 -14.34 3.22
CA TYR A 171 15.61 -13.38 3.54
C TYR A 171 16.27 -12.01 3.90
N ILE A 172 17.52 -12.04 4.35
CA ILE A 172 18.13 -10.79 4.84
C ILE A 172 18.48 -9.92 3.66
N GLU A 173 19.25 -10.44 2.73
CA GLU A 173 19.62 -9.63 1.57
C GLU A 173 18.37 -9.17 0.78
N LYS A 174 17.37 -10.03 0.67
CA LYS A 174 16.14 -9.69 -0.10
C LYS A 174 15.38 -8.57 0.54
N ALA A 175 15.19 -8.67 1.86
CA ALA A 175 14.65 -7.51 2.59
C ALA A 175 15.36 -6.20 2.27
N PHE A 176 16.67 -6.10 2.48
CA PHE A 176 17.36 -4.88 2.05
C PHE A 176 17.15 -4.46 0.57
N ARG A 177 17.17 -5.44 -0.33
CA ARG A 177 17.06 -5.12 -1.74
C ARG A 177 15.64 -4.63 -2.04
N TRP A 178 14.63 -5.30 -1.47
CA TRP A 178 13.24 -4.82 -1.63
C TRP A 178 12.96 -3.43 -1.07
N THR A 179 13.45 -3.19 0.14
CA THR A 179 13.43 -1.88 0.73
C THR A 179 14.04 -0.82 -0.14
N LYS A 180 15.27 -1.01 -0.63
CA LYS A 180 15.90 0.03 -1.47
C LYS A 180 15.10 0.32 -2.73
N GLU A 181 14.49 -0.71 -3.30
CA GLU A 181 13.64 -0.53 -4.45
C GLU A 181 12.51 0.40 -4.18
N ALA A 182 11.86 0.19 -3.03
CA ALA A 182 10.68 0.92 -2.72
C ALA A 182 11.00 2.35 -2.30
N ASP A 183 12.14 2.54 -1.63
CA ASP A 183 12.60 3.90 -1.34
C ASP A 183 14.12 4.05 -1.46
N PRO A 184 14.61 4.45 -2.66
CA PRO A 184 16.06 4.55 -2.93
C PRO A 184 16.78 5.59 -2.05
N ASP A 185 16.04 6.52 -1.50
CA ASP A 185 16.68 7.58 -0.71
C ASP A 185 16.74 7.26 0.80
N ALA A 186 16.02 6.22 1.21
CA ALA A 186 16.11 5.74 2.60
C ALA A 186 17.48 5.14 2.95
N ILE A 187 17.94 5.39 4.15
CA ILE A 187 19.18 4.81 4.69
C ILE A 187 18.71 3.57 5.40
N LEU A 188 19.24 2.44 4.94
CA LEU A 188 18.76 1.15 5.39
C LEU A 188 19.78 0.55 6.37
N ILE A 189 19.28 0.11 7.51
CA ILE A 189 20.19 -0.34 8.54
C ILE A 189 19.73 -1.73 9.05
N TYR A 190 20.72 -2.40 9.63
CA TYR A 190 20.53 -3.59 10.38
C TYR A 190 20.64 -3.17 11.88
N ASN A 191 19.66 -3.53 12.70
CA ASN A 191 19.65 -3.09 14.10
C ASN A 191 19.69 -4.35 15.00
N ASP A 192 20.52 -4.30 16.05
CA ASP A 192 20.69 -5.43 17.01
C ASP A 192 21.12 -4.94 18.40
N TYR A 193 20.90 -5.75 19.41
CA TYR A 193 21.38 -5.54 20.78
C TYR A 193 22.62 -6.35 21.13
N SER A 194 23.31 -5.90 22.18
CA SER A 194 24.50 -6.61 22.69
C SER A 194 25.52 -6.84 21.62
N ILE A 195 25.65 -5.91 20.66
CA ILE A 195 26.76 -6.01 19.67
C ILE A 195 27.56 -4.74 19.72
N GLU A 196 27.41 -3.97 20.80
CA GLU A 196 28.23 -2.73 20.95
C GLU A 196 29.73 -3.01 21.12
N GLU A 197 30.08 -4.07 21.87
CA GLU A 197 31.50 -4.47 22.01
C GLU A 197 31.86 -5.49 20.92
N ILE A 198 33.17 -5.68 20.76
CA ILE A 198 33.74 -6.83 20.06
C ILE A 198 33.51 -8.09 20.83
N ASN A 199 32.72 -8.99 20.21
CA ASN A 199 32.32 -10.28 20.81
C ASN A 199 31.82 -11.33 19.76
N ALA A 200 31.35 -12.51 20.19
CA ALA A 200 30.89 -13.56 19.24
C ALA A 200 29.76 -12.99 18.32
N LYS A 201 28.74 -12.40 18.96
CA LYS A 201 27.60 -11.79 18.26
C LYS A 201 27.94 -10.65 17.25
N SER A 202 28.71 -9.63 17.67
CA SER A 202 29.12 -8.55 16.74
C SER A 202 30.09 -8.99 15.62
N ASN A 203 30.98 -9.94 15.90
CA ASN A 203 31.78 -10.67 14.90
C ASN A 203 30.93 -11.31 13.83
N PHE A 204 29.89 -12.01 14.24
CA PHE A 204 28.96 -12.62 13.30
C PHE A 204 28.24 -11.54 12.50
N VAL A 205 27.73 -10.51 13.18
CA VAL A 205 27.06 -9.37 12.48
C VAL A 205 28.05 -8.66 11.53
N TYR A 206 29.24 -8.37 12.03
CA TYR A 206 30.35 -7.89 11.20
C TYR A 206 30.52 -8.69 9.93
N ASN A 207 30.77 -9.99 10.04
CA ASN A 207 31.08 -10.77 8.84
C ASN A 207 29.89 -10.86 7.96
N MET A 208 28.71 -10.90 8.58
CA MET A 208 27.43 -10.87 7.86
C MET A 208 27.25 -9.64 6.93
N ILE A 209 27.42 -8.41 7.47
CA ILE A 209 27.24 -7.18 6.71
C ILE A 209 28.38 -7.08 5.71
N LYS A 210 29.57 -7.55 6.09
CA LYS A 210 30.72 -7.47 5.21
C LYS A 210 30.48 -8.26 3.91
N GLU A 211 29.97 -9.48 4.03
CA GLU A 211 29.48 -10.30 2.88
C GLU A 211 28.26 -9.73 2.09
N LEU A 212 27.28 -9.14 2.77
CA LEU A 212 26.16 -8.54 2.06
C LEU A 212 26.60 -7.38 1.27
N LYS A 213 27.39 -6.50 1.83
CA LYS A 213 27.90 -5.38 1.01
C LYS A 213 28.79 -5.81 -0.17
N GLU A 214 29.60 -6.87 0.01
CA GLU A 214 30.46 -7.38 -1.09
C GLU A 214 29.59 -7.89 -2.24
N LYS A 215 28.37 -8.36 -1.90
CA LYS A 215 27.40 -8.78 -2.93
C LYS A 215 26.62 -7.61 -3.52
N GLY A 216 26.93 -6.39 -3.10
CA GLY A 216 26.14 -5.21 -3.48
C GLY A 216 24.80 -5.03 -2.79
N VAL A 217 24.54 -5.72 -1.68
CA VAL A 217 23.26 -5.50 -0.96
C VAL A 217 23.33 -4.07 -0.35
N PRO A 218 22.25 -3.25 -0.47
CA PRO A 218 22.34 -1.89 0.09
C PRO A 218 22.13 -1.79 1.64
N VAL A 219 23.13 -2.21 2.42
CA VAL A 219 23.15 -2.05 3.88
C VAL A 219 23.97 -0.81 4.12
N ASP A 220 23.24 0.31 4.32
CA ASP A 220 23.78 1.65 4.48
C ASP A 220 24.38 1.87 5.88
N GLY A 221 23.84 1.15 6.85
CA GLY A 221 24.22 1.43 8.23
C GLY A 221 23.97 0.30 9.21
N ILE A 222 24.46 0.48 10.42
CA ILE A 222 24.22 -0.43 11.53
C ILE A 222 23.64 0.35 12.74
N GLY A 223 22.70 -0.28 13.44
CA GLY A 223 22.12 0.29 14.63
C GLY A 223 22.58 -0.52 15.80
N PHE A 224 23.15 0.17 16.80
CA PHE A 224 23.51 -0.42 18.09
C PHE A 224 22.39 0.02 19.05
N GLN A 225 21.61 -0.95 19.52
CA GLN A 225 20.49 -0.64 20.43
C GLN A 225 20.91 0.02 21.74
N MET A 226 22.00 -0.46 22.37
CA MET A 226 22.55 0.19 23.54
C MET A 226 21.56 0.06 24.75
N HIS A 227 20.89 -1.09 24.83
CA HIS A 227 20.16 -1.47 26.05
C HIS A 227 21.12 -1.95 27.12
N ILE A 228 21.67 -1.02 27.92
CA ILE A 228 22.78 -1.36 28.79
C ILE A 228 22.38 -1.18 30.26
N ASP A 229 23.27 -1.52 31.18
CA ASP A 229 22.98 -1.25 32.60
C ASP A 229 24.06 -0.48 33.30
N TYR A 230 23.97 -0.37 34.61
CA TYR A 230 24.89 0.47 35.36
C TYR A 230 26.34 0.00 35.32
N ARG A 231 26.59 -1.19 34.78
CA ARG A 231 27.97 -1.73 34.65
C ARG A 231 28.68 -1.12 33.44
N GLY A 232 27.93 -0.43 32.60
CA GLY A 232 28.55 0.25 31.47
C GLY A 232 28.99 -0.67 30.34
N LEU A 233 30.04 -0.25 29.63
CA LEU A 233 30.65 -1.11 28.57
C LEU A 233 32.16 -1.12 28.74
N ASN A 234 32.80 -2.02 28.00
CA ASN A 234 34.20 -1.95 27.80
C ASN A 234 34.39 -0.90 26.69
N TYR A 235 34.75 0.32 27.11
CA TYR A 235 34.82 1.47 26.21
C TYR A 235 35.84 1.31 25.10
N ASP A 236 36.94 0.66 25.42
CA ASP A 236 37.96 0.44 24.40
C ASP A 236 37.38 -0.53 23.33
N SER A 237 36.65 -1.55 23.77
CA SER A 237 36.11 -2.55 22.82
C SER A 237 35.05 -1.81 21.96
N PHE A 238 34.14 -1.09 22.61
CA PHE A 238 33.08 -0.32 21.90
C PHE A 238 33.69 0.64 20.83
N ARG A 239 34.73 1.39 21.20
CA ARG A 239 35.40 2.30 20.26
C ARG A 239 36.04 1.60 19.05
N ARG A 240 36.76 0.51 19.34
CA ARG A 240 37.31 -0.38 18.30
C ARG A 240 36.19 -1.03 17.46
N ASN A 241 35.11 -1.48 18.11
CA ASN A 241 33.94 -1.97 17.33
C ASN A 241 33.38 -0.87 16.38
N LEU A 242 33.27 0.37 16.81
CA LEU A 242 32.68 1.43 15.96
C LEU A 242 33.59 1.68 14.75
N GLU A 243 34.90 1.57 14.97
CA GLU A 243 35.89 1.84 13.92
C GLU A 243 35.84 0.77 12.86
N ARG A 244 35.80 -0.50 13.26
CA ARG A 244 35.74 -1.54 12.23
C ARG A 244 34.44 -1.46 11.45
N PHE A 245 33.31 -1.18 12.12
CA PHE A 245 32.09 -1.04 11.34
C PHE A 245 32.05 0.16 10.43
N ALA A 246 32.64 1.26 10.86
CA ALA A 246 32.61 2.43 10.08
C ALA A 246 33.47 2.11 8.84
N LYS A 247 34.56 1.36 9.01
CA LYS A 247 35.48 1.07 7.86
C LYS A 247 34.86 0.18 6.80
N LEU A 248 33.74 -0.42 7.15
CA LEU A 248 32.98 -1.16 6.17
C LEU A 248 32.20 -0.18 5.29
N GLY A 249 32.23 1.11 5.64
CA GLY A 249 31.51 2.19 4.90
C GLY A 249 30.07 2.25 5.34
N LEU A 250 29.87 2.01 6.63
CA LEU A 250 28.56 2.08 7.25
C LEU A 250 28.35 3.37 8.02
N GLN A 251 27.16 3.93 7.93
CA GLN A 251 26.75 4.95 8.90
C GLN A 251 26.34 4.25 10.18
N ILE A 252 26.53 4.90 11.33
CA ILE A 252 26.27 4.20 12.61
C ILE A 252 25.16 4.91 13.38
N TYR A 253 24.21 4.18 13.99
CA TYR A 253 23.07 4.79 14.72
C TYR A 253 23.05 4.12 16.09
N ILE A 254 23.02 4.89 17.18
CA ILE A 254 22.70 4.38 18.54
C ILE A 254 21.19 4.50 18.54
N THR A 255 20.50 3.38 18.58
CA THR A 255 19.10 3.45 18.28
C THR A 255 18.19 3.42 19.45
N GLU A 256 18.56 2.70 20.52
CA GLU A 256 17.55 2.40 21.55
C GLU A 256 18.05 2.58 22.96
N MET A 257 18.80 3.65 23.19
CA MET A 257 19.56 3.69 24.42
C MET A 257 18.75 3.76 25.71
N ASP A 258 19.17 2.93 26.64
CA ASP A 258 18.72 3.09 28.02
C ASP A 258 19.76 2.41 28.96
N VAL A 259 19.89 2.95 30.17
CA VAL A 259 20.92 2.56 31.09
C VAL A 259 20.18 2.18 32.42
N ARG A 260 19.76 0.93 32.48
CA ARG A 260 18.84 0.50 33.55
C ARG A 260 19.63 0.36 34.86
N ILE A 261 19.02 0.72 36.01
CA ILE A 261 19.71 0.70 37.26
C ILE A 261 18.84 -0.09 38.24
N PRO A 262 19.45 -0.72 39.27
CA PRO A 262 18.65 -1.45 40.21
C PRO A 262 17.64 -0.50 40.82
N LEU A 263 16.44 -0.98 41.07
CA LEU A 263 15.44 -0.20 41.82
C LEU A 263 15.70 -0.16 43.32
N SER A 264 16.40 -1.18 43.83
CA SER A 264 16.81 -1.31 45.26
C SER A 264 18.12 -0.62 45.62
N GLY A 265 18.07 0.23 46.66
CA GLY A 265 19.32 0.86 47.19
C GLY A 265 19.89 2.01 46.38
N SER A 266 21.03 2.56 46.84
CA SER A 266 21.42 3.97 46.58
C SER A 266 21.10 4.55 45.22
N GLU A 267 19.91 5.14 45.13
CA GLU A 267 19.50 5.94 43.98
C GLU A 267 20.62 6.92 43.50
N ASP A 268 21.16 7.75 44.39
CA ASP A 268 22.14 8.77 43.95
C ASP A 268 23.44 8.20 43.33
N TYR A 269 23.97 7.14 43.96
CA TYR A 269 25.08 6.37 43.43
C TYR A 269 24.79 5.84 42.02
N TYR A 270 23.68 5.12 41.87
CA TYR A 270 23.34 4.66 40.52
C TYR A 270 23.07 5.79 39.50
N LEU A 271 22.44 6.88 39.94
CA LEU A 271 22.17 8.02 39.00
C LEU A 271 23.47 8.69 38.60
N LYS A 272 24.43 8.66 39.52
CA LYS A 272 25.78 9.13 39.24
C LYS A 272 26.48 8.17 38.25
N LYS A 273 26.29 6.86 38.44
CA LYS A 273 26.95 5.95 37.45
C LYS A 273 26.31 6.08 36.08
N GLN A 274 24.99 6.22 36.06
CA GLN A 274 24.24 6.42 34.82
C GLN A 274 24.73 7.64 34.03
N ALA A 275 24.90 8.77 34.74
CA ALA A 275 25.49 9.96 34.10
C ALA A 275 26.85 9.75 33.50
N GLU A 276 27.73 9.08 34.24
CA GLU A 276 29.08 8.80 33.75
C GLU A 276 29.05 7.94 32.49
N ILE A 277 28.26 6.89 32.54
CA ILE A 277 28.06 6.07 31.36
C ILE A 277 27.57 6.88 30.14
N CYS A 278 26.51 7.66 30.31
CA CYS A 278 25.93 8.43 29.20
C CYS A 278 26.98 9.38 28.64
N ALA A 279 27.70 10.06 29.54
CA ALA A 279 28.81 10.92 29.09
C ALA A 279 29.91 10.19 28.31
N LYS A 280 30.33 9.03 28.82
CA LYS A 280 31.37 8.25 28.15
C LYS A 280 30.87 7.76 26.79
N ILE A 281 29.64 7.29 26.74
CA ILE A 281 29.09 6.83 25.45
C ILE A 281 29.05 8.00 24.41
N PHE A 282 28.55 9.19 24.82
CA PHE A 282 28.56 10.37 23.94
C PHE A 282 29.95 10.78 23.49
N ASP A 283 30.90 10.86 24.42
CA ASP A 283 32.30 11.17 24.06
C ASP A 283 32.78 10.27 22.90
N ILE A 284 32.71 8.96 23.10
CA ILE A 284 33.12 8.01 22.06
C ILE A 284 32.34 8.22 20.74
N CYS A 285 31.02 8.36 20.83
CA CYS A 285 30.20 8.56 19.63
C CYS A 285 30.53 9.85 18.90
N LEU A 286 30.72 10.94 19.65
CA LEU A 286 31.13 12.22 19.00
C LEU A 286 32.50 12.23 18.40
N ASP A 287 33.34 11.30 18.84
CA ASP A 287 34.67 11.19 18.30
C ASP A 287 34.71 10.45 16.97
N ASN A 288 33.65 9.72 16.63
CA ASN A 288 33.62 8.97 15.36
C ASN A 288 32.56 9.56 14.43
N PRO A 289 32.98 10.17 13.29
CA PRO A 289 32.04 10.93 12.43
C PRO A 289 31.00 10.09 11.69
N ALA A 290 31.13 8.75 11.72
CA ALA A 290 30.15 7.81 11.12
C ALA A 290 28.91 7.69 11.98
N VAL A 291 29.06 8.10 13.23
CA VAL A 291 27.88 8.08 14.13
C VAL A 291 26.96 9.29 13.82
N LYS A 292 25.75 9.04 13.39
CA LYS A 292 24.86 10.10 12.84
C LYS A 292 23.67 10.48 13.73
N ALA A 293 23.26 9.57 14.60
CA ALA A 293 22.14 9.83 15.47
C ALA A 293 22.37 9.02 16.71
N ILE A 294 21.95 9.61 17.83
CA ILE A 294 21.80 8.89 19.09
C ILE A 294 20.38 9.01 19.59
N GLN A 295 19.70 7.90 19.75
CA GLN A 295 18.37 7.94 20.34
C GLN A 295 18.23 7.17 21.63
N PHE A 296 17.27 7.58 22.46
CA PHE A 296 16.95 6.83 23.70
C PHE A 296 15.69 6.10 23.45
N TRP A 297 15.54 4.94 24.07
CA TRP A 297 14.33 4.17 23.82
C TRP A 297 13.25 4.77 24.74
N GLY A 298 12.90 6.02 24.48
CA GLY A 298 11.96 6.78 25.31
C GLY A 298 12.75 8.00 25.84
N PHE A 299 12.21 8.72 26.84
CA PHE A 299 12.98 9.83 27.41
C PHE A 299 12.64 10.12 28.83
N THR A 300 11.40 9.86 29.24
CA THR A 300 10.97 10.00 30.66
C THR A 300 10.79 8.58 31.26
N ASP A 301 11.29 8.39 32.47
CA ASP A 301 11.08 7.13 33.22
C ASP A 301 9.58 6.80 33.48
N LYS A 302 8.68 7.76 33.29
CA LYS A 302 7.27 7.45 33.37
C LYS A 302 6.85 6.42 32.32
N TYR A 303 7.59 6.44 31.19
CA TYR A 303 7.24 5.71 30.00
C TYR A 303 8.46 5.03 29.39
N SER A 304 8.74 3.85 29.92
CA SER A 304 9.88 3.00 29.55
C SER A 304 9.49 1.50 29.59
N TRP A 305 9.97 0.74 28.62
CA TRP A 305 9.71 -0.72 28.59
C TRP A 305 10.52 -1.52 29.66
N VAL A 306 11.54 -0.86 30.25
CA VAL A 306 12.54 -1.50 31.12
C VAL A 306 11.93 -2.20 32.35
N PRO A 307 11.16 -1.49 33.20
CA PRO A 307 10.60 -2.15 34.39
C PRO A 307 9.83 -3.45 34.10
N GLY A 308 9.10 -3.51 32.99
CA GLY A 308 8.31 -4.72 32.68
C GLY A 308 9.12 -5.85 32.08
N PHE A 309 10.23 -5.50 31.39
CA PHE A 309 11.08 -6.48 30.70
C PHE A 309 12.23 -6.94 31.58
N PHE A 310 12.84 -6.01 32.30
CA PHE A 310 13.97 -6.29 33.17
C PHE A 310 13.60 -6.26 34.66
N LYS A 311 13.08 -7.38 35.16
CA LYS A 311 12.80 -7.62 36.58
C LYS A 311 13.77 -6.90 37.54
N GLY A 312 13.30 -5.99 38.37
CA GLY A 312 14.20 -5.32 39.38
C GLY A 312 14.96 -4.06 38.94
N TYR A 313 14.74 -3.62 37.70
CA TYR A 313 15.48 -2.49 37.14
C TYR A 313 14.50 -1.47 36.58
N GLY A 314 14.96 -0.24 36.46
CA GLY A 314 14.16 0.82 35.86
C GLY A 314 14.99 2.09 35.84
N LYS A 315 14.29 3.22 35.93
CA LYS A 315 14.90 4.53 36.01
C LYS A 315 16.07 4.65 34.97
N ALA A 316 15.79 4.26 33.72
CA ALA A 316 16.83 4.12 32.69
C ALA A 316 16.94 5.29 31.68
N LEU A 317 16.18 6.36 31.86
CA LEU A 317 16.05 7.36 30.79
C LEU A 317 16.58 8.74 31.22
N LEU A 318 16.31 9.78 30.45
CA LEU A 318 16.88 11.12 30.65
C LEU A 318 16.17 11.92 31.68
N PHE A 319 14.84 11.77 31.75
CA PHE A 319 13.97 12.57 32.63
C PHE A 319 13.25 11.64 33.59
N ASP A 320 13.04 12.10 34.82
CA ASP A 320 12.33 11.27 35.79
C ASP A 320 10.82 11.21 35.48
N GLU A 321 10.03 10.65 36.39
CA GLU A 321 8.56 10.46 36.19
C GLU A 321 7.78 11.79 36.20
N ASN A 322 8.38 12.85 36.73
CA ASN A 322 7.83 14.21 36.70
C ASN A 322 8.41 15.12 35.61
N TYR A 323 9.11 14.51 34.66
CA TYR A 323 9.76 15.23 33.52
C TYR A 323 10.85 16.19 33.97
N ASN A 324 11.47 15.92 35.09
CA ASN A 324 12.59 16.76 35.55
C ASN A 324 13.84 16.06 35.09
N PRO A 325 14.84 16.84 34.62
CA PRO A 325 15.97 16.11 34.07
C PRO A 325 16.73 15.46 35.22
N LYS A 326 17.26 14.29 34.95
CA LYS A 326 18.10 13.54 35.88
C LYS A 326 19.57 13.85 35.60
N PRO A 327 20.49 13.31 36.43
CA PRO A 327 21.90 13.66 36.22
C PRO A 327 22.46 13.35 34.83
N CYS A 328 22.02 12.24 34.21
CA CYS A 328 22.53 11.88 32.90
C CYS A 328 22.26 12.98 31.86
N TYR A 329 21.12 13.61 31.95
CA TYR A 329 20.71 14.62 30.99
C TYR A 329 21.73 15.75 30.99
N TYR A 330 22.09 16.20 32.19
CA TYR A 330 23.06 17.30 32.29
C TYR A 330 24.45 16.91 31.88
N ALA A 331 24.85 15.69 32.29
CA ALA A 331 26.06 15.07 31.85
C ALA A 331 26.16 15.05 30.34
N ILE A 332 25.13 14.56 29.64
CA ILE A 332 25.23 14.56 28.14
C ILE A 332 25.29 15.98 27.49
N LYS A 333 24.38 16.85 27.91
CA LYS A 333 24.44 18.30 27.53
C LYS A 333 25.85 18.92 27.71
N GLU A 334 26.53 18.60 28.81
CA GLU A 334 27.82 19.20 29.06
C GLU A 334 28.88 18.69 28.06
N VAL A 335 28.74 17.40 27.71
CA VAL A 335 29.65 16.77 26.76
C VAL A 335 29.35 17.36 25.37
N LEU A 336 28.07 17.44 25.01
CA LEU A 336 27.68 18.16 23.76
C LEU A 336 28.21 19.59 23.66
N GLU A 337 28.05 20.31 24.74
CA GLU A 337 28.55 21.70 24.77
C GLU A 337 30.06 21.83 24.67
N LYS A 338 30.80 20.91 25.32
CA LYS A 338 32.27 20.92 25.26
C LYS A 338 32.69 20.66 23.81
N LYS A 339 32.02 19.72 23.17
CA LYS A 339 32.37 19.36 21.82
C LYS A 339 32.28 20.50 20.78
N ILE A 340 31.31 21.38 20.97
CA ILE A 340 31.07 22.57 20.15
C ILE A 340 32.15 23.64 20.50
N GLU A 341 32.42 23.74 21.81
CA GLU A 341 33.34 24.71 22.43
C GLU A 341 34.76 24.51 21.91
N HIS B 16 -12.34 -29.58 -24.10
CA HIS B 16 -13.51 -28.70 -24.12
C HIS B 16 -14.75 -29.50 -24.54
N MET B 17 -14.54 -30.49 -25.43
CA MET B 17 -15.57 -31.05 -26.34
C MET B 17 -17.08 -30.86 -26.10
N GLN B 18 -17.70 -31.54 -25.12
CA GLN B 18 -19.20 -31.41 -24.93
C GLN B 18 -19.76 -29.99 -24.56
N ASN B 19 -19.05 -29.25 -23.70
CA ASN B 19 -19.48 -27.90 -23.27
C ASN B 19 -18.90 -26.84 -24.23
N VAL B 20 -19.72 -26.36 -25.19
CA VAL B 20 -19.29 -25.21 -25.99
C VAL B 20 -19.68 -23.96 -25.24
N SER B 21 -18.72 -23.38 -24.53
CA SER B 21 -18.95 -22.30 -23.53
C SER B 21 -18.61 -20.99 -24.17
N LEU B 22 -19.06 -19.88 -23.57
CA LEU B 22 -18.75 -18.61 -24.17
C LEU B 22 -17.24 -18.36 -24.17
N ARG B 23 -16.54 -18.73 -23.10
CA ARG B 23 -15.09 -18.44 -22.99
C ARG B 23 -14.25 -19.29 -23.95
N GLU B 24 -14.70 -20.53 -24.26
CA GLU B 24 -14.01 -21.42 -25.22
C GLU B 24 -14.01 -20.77 -26.63
N LEU B 25 -15.21 -20.28 -27.00
CA LEU B 25 -15.47 -19.56 -28.24
C LEU B 25 -14.66 -18.23 -28.27
N ALA B 26 -14.69 -17.46 -27.19
CA ALA B 26 -13.86 -16.25 -27.08
C ALA B 26 -12.36 -16.55 -27.25
N GLU B 27 -11.87 -17.60 -26.56
CA GLU B 27 -10.48 -18.04 -26.72
C GLU B 27 -10.14 -18.34 -28.19
N LYS B 28 -11.01 -19.06 -28.90
CA LYS B 28 -10.77 -19.27 -30.34
C LYS B 28 -10.75 -17.95 -31.13
N LEU B 29 -11.44 -16.93 -30.62
CA LEU B 29 -11.46 -15.64 -31.30
C LEU B 29 -10.43 -14.65 -30.76
N ASN B 30 -9.53 -15.07 -29.87
CA ASN B 30 -8.53 -14.14 -29.23
C ASN B 30 -9.14 -12.95 -28.54
N ILE B 31 -10.24 -13.18 -27.86
CA ILE B 31 -10.90 -12.14 -27.09
C ILE B 31 -11.39 -12.73 -25.77
N TYR B 32 -11.89 -11.85 -24.90
CA TYR B 32 -12.46 -12.24 -23.60
C TYR B 32 -13.93 -11.94 -23.55
N ILE B 33 -14.64 -12.79 -22.86
CA ILE B 33 -16.03 -12.54 -22.67
C ILE B 33 -16.19 -12.80 -21.22
N GLY B 34 -16.91 -11.90 -20.58
CA GLY B 34 -17.00 -11.97 -19.12
C GLY B 34 -18.04 -11.11 -18.45
N PHE B 35 -17.80 -10.86 -17.18
CA PHE B 35 -18.88 -10.41 -16.28
C PHE B 35 -18.42 -9.53 -15.12
N ALA B 36 -19.39 -9.00 -14.40
CA ALA B 36 -19.09 -8.30 -13.21
C ALA B 36 -19.58 -9.17 -12.07
N ALA B 37 -18.65 -9.40 -11.13
CA ALA B 37 -18.87 -10.24 -9.97
C ALA B 37 -19.50 -9.48 -8.85
N ILE B 38 -20.63 -9.97 -8.38
CA ILE B 38 -21.26 -9.33 -7.21
C ILE B 38 -20.43 -9.33 -5.90
N ASN B 39 -20.56 -8.26 -5.09
CA ASN B 39 -20.07 -8.26 -3.71
C ASN B 39 -20.24 -9.61 -3.04
N ASN B 40 -19.13 -10.04 -2.45
CA ASN B 40 -19.19 -11.21 -1.58
C ASN B 40 -19.89 -12.37 -2.26
N PHE B 41 -19.56 -12.61 -3.54
CA PHE B 41 -20.18 -13.70 -4.25
C PHE B 41 -19.94 -15.07 -3.63
N TRP B 42 -18.82 -15.26 -2.94
CA TRP B 42 -18.45 -16.53 -2.29
C TRP B 42 -19.33 -16.92 -1.10
N SER B 43 -20.15 -16.01 -0.64
CA SER B 43 -20.94 -16.33 0.57
C SER B 43 -22.40 -16.07 0.31
N LEU B 44 -22.79 -15.96 -0.98
CA LEU B 44 -24.22 -15.95 -1.40
C LEU B 44 -24.87 -17.27 -0.96
N SER B 45 -26.14 -17.26 -0.56
CA SER B 45 -26.89 -18.53 -0.35
C SER B 45 -26.76 -19.50 -1.55
N ASP B 46 -26.75 -18.95 -2.77
CA ASP B 46 -26.52 -19.75 -3.97
C ASP B 46 -25.11 -19.57 -4.57
N GLU B 47 -24.09 -19.30 -3.74
CA GLU B 47 -22.70 -19.18 -4.19
C GLU B 47 -22.22 -20.34 -5.05
N GLU B 48 -22.61 -21.55 -4.67
CA GLU B 48 -22.16 -22.69 -5.46
C GLU B 48 -22.51 -22.55 -6.94
N LYS B 49 -23.81 -22.32 -7.20
CA LYS B 49 -24.33 -22.30 -8.55
C LYS B 49 -23.75 -21.07 -9.31
N TYR B 50 -23.67 -19.94 -8.60
CA TYR B 50 -23.16 -18.69 -9.14
C TYR B 50 -21.77 -18.89 -9.68
N MET B 51 -20.86 -19.31 -8.81
CA MET B 51 -19.46 -19.56 -9.15
C MET B 51 -19.29 -20.60 -10.31
N GLU B 52 -20.07 -21.67 -10.23
CA GLU B 52 -20.09 -22.63 -11.30
C GLU B 52 -20.51 -22.03 -12.65
N VAL B 53 -21.59 -21.25 -12.69
CA VAL B 53 -21.97 -20.70 -13.97
C VAL B 53 -20.84 -19.81 -14.38
N ALA B 54 -20.39 -18.92 -13.46
CA ALA B 54 -19.30 -18.04 -13.85
C ALA B 54 -18.08 -18.73 -14.51
N ARG B 55 -17.45 -19.69 -13.83
CA ARG B 55 -16.18 -20.28 -14.35
C ARG B 55 -16.39 -21.03 -15.66
N ARG B 56 -17.56 -21.64 -15.77
CA ARG B 56 -17.93 -22.40 -16.96
C ARG B 56 -18.04 -21.49 -18.15
N GLU B 57 -18.54 -20.25 -17.94
CA GLU B 57 -18.86 -19.34 -19.07
C GLU B 57 -17.81 -18.30 -19.48
N PHE B 58 -16.96 -17.85 -18.55
CA PHE B 58 -16.29 -16.55 -18.69
C PHE B 58 -14.82 -16.61 -18.42
N ASN B 59 -14.07 -15.73 -19.09
CA ASN B 59 -12.62 -15.69 -18.89
C ASN B 59 -12.12 -14.26 -18.53
N ILE B 60 -12.99 -13.41 -18.02
CA ILE B 60 -12.59 -12.08 -17.57
C ILE B 60 -13.65 -11.61 -16.56
N LEU B 61 -13.11 -11.03 -15.47
CA LEU B 61 -13.84 -10.75 -14.28
C LEU B 61 -13.58 -9.30 -13.85
N THR B 62 -14.63 -8.50 -13.67
CA THR B 62 -14.53 -7.15 -13.11
C THR B 62 -15.21 -7.23 -11.72
N PRO B 63 -14.52 -6.80 -10.64
CA PRO B 63 -15.36 -6.80 -9.42
C PRO B 63 -16.37 -5.65 -9.50
N GLU B 64 -17.66 -5.93 -9.25
CA GLU B 64 -18.78 -4.93 -9.41
C GLU B 64 -18.63 -3.66 -8.55
N ASN B 65 -18.23 -3.85 -7.29
CA ASN B 65 -18.02 -2.72 -6.36
C ASN B 65 -16.83 -2.83 -5.46
N GLN B 66 -16.19 -3.98 -5.40
CA GLN B 66 -15.22 -4.21 -4.26
C GLN B 66 -13.84 -3.74 -4.49
N MET B 67 -13.62 -3.21 -5.68
CA MET B 67 -12.42 -2.45 -5.90
C MET B 67 -12.63 -0.92 -5.80
N LYS B 68 -13.85 -0.45 -5.55
CA LYS B 68 -14.15 0.98 -5.51
C LYS B 68 -13.56 1.62 -4.25
N TRP B 69 -13.46 2.94 -4.26
CA TRP B 69 -12.82 3.63 -3.17
C TRP B 69 -13.45 3.26 -1.84
N ASP B 70 -14.76 3.27 -1.80
CA ASP B 70 -15.53 2.91 -0.61
C ASP B 70 -15.08 1.69 0.21
N THR B 71 -14.68 0.63 -0.51
CA THR B 71 -14.36 -0.65 0.10
C THR B 71 -12.87 -0.73 0.34
N ILE B 72 -12.11 -0.32 -0.68
CA ILE B 72 -10.74 -0.65 -0.69
C ILE B 72 -9.94 0.38 0.10
N HIS B 73 -10.52 1.57 0.34
CA HIS B 73 -9.78 2.64 1.02
C HIS B 73 -10.76 3.34 1.94
N PRO B 74 -11.19 2.65 3.02
CA PRO B 74 -12.31 3.26 3.78
C PRO B 74 -11.98 4.37 4.77
N GLU B 75 -10.68 4.61 4.99
CA GLU B 75 -10.23 5.71 5.85
C GLU B 75 -8.94 6.19 5.26
N ARG B 76 -8.61 7.45 5.51
CA ARG B 76 -7.50 8.06 4.82
C ARG B 76 -6.30 7.13 4.91
N ASP B 77 -6.10 6.46 6.03
CA ASP B 77 -4.84 5.71 6.27
C ASP B 77 -5.01 4.22 6.46
N ARG B 78 -6.07 3.69 5.86
CA ARG B 78 -6.36 2.29 5.92
C ARG B 78 -6.78 1.83 4.57
N TYR B 79 -6.19 0.74 4.15
CA TYR B 79 -6.58 0.06 2.93
C TYR B 79 -7.04 -1.33 3.31
N ASN B 80 -8.07 -1.78 2.65
CA ASN B 80 -8.60 -3.07 2.79
C ASN B 80 -8.73 -3.76 1.47
N PHE B 81 -7.74 -4.62 1.16
CA PHE B 81 -7.73 -5.42 -0.06
C PHE B 81 -8.48 -6.76 0.02
N THR B 82 -8.98 -7.16 1.21
CA THR B 82 -9.50 -8.56 1.44
C THR B 82 -10.61 -8.99 0.48
N PRO B 83 -11.70 -8.19 0.38
CA PRO B 83 -12.68 -8.64 -0.62
C PRO B 83 -12.11 -8.58 -2.02
N ALA B 84 -11.34 -7.53 -2.39
CA ALA B 84 -10.79 -7.50 -3.77
C ALA B 84 -9.93 -8.72 -4.04
N GLU B 85 -9.21 -9.18 -3.01
CA GLU B 85 -8.31 -10.31 -3.18
C GLU B 85 -9.09 -11.59 -3.48
N LYS B 86 -10.24 -11.79 -2.83
CA LYS B 86 -11.19 -12.84 -3.14
C LYS B 86 -11.71 -12.90 -4.59
N HIS B 87 -11.97 -11.75 -5.22
CA HIS B 87 -12.23 -11.66 -6.66
C HIS B 87 -11.02 -12.11 -7.41
N VAL B 88 -9.85 -11.67 -6.97
CA VAL B 88 -8.65 -11.94 -7.82
C VAL B 88 -8.32 -13.43 -7.74
N GLU B 89 -8.42 -14.00 -6.54
CA GLU B 89 -8.16 -15.45 -6.34
C GLU B 89 -9.14 -16.32 -7.15
N PHE B 90 -10.42 -15.93 -7.19
CA PHE B 90 -11.40 -16.71 -7.93
C PHE B 90 -11.06 -16.62 -9.41
N ALA B 91 -10.69 -15.44 -9.90
CA ALA B 91 -10.27 -15.29 -11.30
C ALA B 91 -9.09 -16.16 -11.65
N GLU B 92 -8.01 -15.99 -10.93
CA GLU B 92 -6.78 -16.77 -11.14
C GLU B 92 -6.96 -18.29 -11.11
N GLU B 93 -7.80 -18.77 -10.20
CA GLU B 93 -8.00 -20.18 -10.04
C GLU B 93 -8.79 -20.74 -11.21
N ASN B 94 -9.52 -19.86 -11.87
CA ASN B 94 -10.39 -20.29 -12.89
C ASN B 94 -9.97 -19.70 -14.22
N ASN B 95 -8.68 -19.36 -14.29
CA ASN B 95 -8.01 -18.85 -15.49
C ASN B 95 -8.77 -17.65 -16.12
N MET B 96 -9.27 -16.77 -15.26
CA MET B 96 -9.87 -15.50 -15.67
C MET B 96 -8.89 -14.34 -15.56
N ILE B 97 -8.92 -13.43 -16.50
CA ILE B 97 -8.15 -12.21 -16.27
C ILE B 97 -9.02 -11.24 -15.46
N VAL B 98 -8.36 -10.38 -14.72
CA VAL B 98 -9.02 -9.49 -13.81
C VAL B 98 -9.01 -8.07 -14.39
N HIS B 99 -10.21 -7.51 -14.59
CA HIS B 99 -10.43 -6.11 -14.99
C HIS B 99 -10.68 -5.16 -13.79
N GLY B 100 -9.69 -4.32 -13.46
CA GLY B 100 -9.83 -3.44 -12.27
C GLY B 100 -10.83 -2.29 -12.44
N HIS B 101 -11.66 -2.01 -11.42
CA HIS B 101 -12.67 -0.96 -11.60
C HIS B 101 -13.00 -0.35 -10.23
N THR B 102 -12.78 0.95 -9.97
CA THR B 102 -12.25 1.96 -10.88
C THR B 102 -11.51 2.90 -9.93
N LEU B 103 -10.46 3.55 -10.42
CA LEU B 103 -9.50 4.24 -9.57
C LEU B 103 -9.95 5.68 -9.34
N VAL B 104 -10.65 6.27 -10.29
CA VAL B 104 -11.13 7.63 -10.13
C VAL B 104 -12.54 7.71 -10.58
N TRP B 105 -13.47 7.91 -9.64
CA TRP B 105 -14.88 8.10 -9.97
C TRP B 105 -15.51 9.07 -8.93
N HIS B 106 -16.72 9.57 -9.21
CA HIS B 106 -17.40 10.58 -8.35
C HIS B 106 -18.44 9.95 -7.45
N ASN B 107 -18.79 8.71 -7.71
CA ASN B 107 -19.70 7.97 -6.81
C ASN B 107 -18.95 6.96 -5.88
N GLN B 108 -19.65 6.52 -4.84
CA GLN B 108 -19.09 5.51 -3.95
C GLN B 108 -17.74 5.93 -3.37
N LEU B 109 -17.70 7.20 -2.96
CA LEU B 109 -16.54 7.76 -2.22
C LEU B 109 -16.88 7.78 -0.73
N PRO B 110 -15.88 7.48 0.12
CA PRO B 110 -16.05 7.40 1.56
C PRO B 110 -16.09 8.78 2.23
N GLY B 111 -16.60 8.82 3.46
CA GLY B 111 -16.88 10.07 4.14
C GLY B 111 -15.61 10.94 4.25
N TRP B 112 -14.45 10.31 4.41
CA TRP B 112 -13.29 11.12 4.63
C TRP B 112 -12.92 11.90 3.35
N ILE B 113 -13.52 11.52 2.21
CA ILE B 113 -13.35 12.34 0.99
C ILE B 113 -14.47 13.34 0.84
N THR B 114 -15.71 12.90 1.01
CA THR B 114 -16.83 13.78 0.62
C THR B 114 -17.23 14.74 1.74
N GLY B 115 -16.74 14.48 2.93
CA GLY B 115 -17.18 15.20 4.15
C GLY B 115 -16.25 16.35 4.56
N ARG B 116 -15.27 16.70 3.72
CA ARG B 116 -14.40 17.80 4.06
C ARG B 116 -14.06 18.65 2.83
N GLU B 117 -13.61 19.87 3.06
CA GLU B 117 -13.27 20.74 1.93
C GLU B 117 -11.83 20.49 1.59
N TRP B 118 -11.51 20.50 0.30
CA TRP B 118 -10.17 20.20 -0.14
C TRP B 118 -9.56 21.35 -0.91
N THR B 119 -8.22 21.42 -0.94
CA THR B 119 -7.54 22.25 -1.94
C THR B 119 -6.86 21.39 -2.99
N LYS B 120 -6.51 22.01 -4.12
CA LYS B 120 -5.85 21.28 -5.22
C LYS B 120 -4.65 20.41 -4.79
N GLU B 121 -3.70 20.99 -4.05
CA GLU B 121 -2.50 20.24 -3.71
C GLU B 121 -2.85 19.04 -2.81
N GLU B 122 -3.67 19.27 -1.80
CA GLU B 122 -4.02 18.21 -0.87
C GLU B 122 -4.66 17.06 -1.66
N LEU B 123 -5.64 17.38 -2.54
CA LEU B 123 -6.41 16.30 -3.26
C LEU B 123 -5.59 15.61 -4.36
N LEU B 124 -4.68 16.32 -5.01
CA LEU B 124 -3.73 15.62 -5.89
C LEU B 124 -2.92 14.59 -5.11
N ASN B 125 -2.48 15.02 -3.92
CA ASN B 125 -1.62 14.20 -3.07
C ASN B 125 -2.47 12.99 -2.66
N VAL B 126 -3.74 13.24 -2.31
CA VAL B 126 -4.63 12.16 -1.91
C VAL B 126 -4.80 11.17 -3.07
N LEU B 127 -5.03 11.71 -4.26
CA LEU B 127 -5.33 10.90 -5.43
C LEU B 127 -4.14 10.04 -5.76
N GLU B 128 -2.94 10.65 -5.83
CA GLU B 128 -1.72 9.91 -6.19
C GLU B 128 -1.46 8.73 -5.24
N ASP B 129 -1.65 8.95 -3.94
CA ASP B 129 -1.37 7.90 -2.94
C ASP B 129 -2.34 6.78 -3.22
N HIS B 130 -3.59 7.13 -3.41
CA HIS B 130 -4.62 6.09 -3.58
C HIS B 130 -4.19 5.25 -4.81
N ILE B 131 -4.10 5.94 -5.95
CA ILE B 131 -3.74 5.25 -7.17
C ILE B 131 -2.47 4.41 -7.00
N LYS B 132 -1.38 4.96 -6.51
CA LYS B 132 -0.20 4.11 -6.41
C LYS B 132 -0.38 2.94 -5.46
N THR B 133 -1.10 3.14 -4.37
CA THR B 133 -1.19 2.07 -3.37
C THR B 133 -2.00 0.91 -4.00
N VAL B 134 -3.18 1.19 -4.50
CA VAL B 134 -4.01 0.14 -5.17
C VAL B 134 -3.37 -0.50 -6.41
N VAL B 135 -2.86 0.34 -7.33
CA VAL B 135 -2.21 -0.20 -8.53
C VAL B 135 -0.98 -1.09 -8.19
N SER B 136 -0.06 -0.60 -7.35
CA SER B 136 1.11 -1.38 -6.96
C SER B 136 0.70 -2.66 -6.22
N HIS B 137 -0.31 -2.58 -5.33
CA HIS B 137 -0.74 -3.70 -4.59
C HIS B 137 -1.14 -4.85 -5.52
N PHE B 138 -1.80 -4.55 -6.64
CA PHE B 138 -2.25 -5.56 -7.61
C PHE B 138 -1.40 -5.63 -8.91
N LYS B 139 -0.18 -5.09 -8.88
CA LYS B 139 0.71 -5.02 -10.04
C LYS B 139 0.86 -6.40 -10.70
N GLY B 140 0.56 -6.46 -12.00
CA GLY B 140 0.72 -7.72 -12.76
C GLY B 140 -0.43 -8.69 -12.68
N ARG B 141 -1.24 -8.61 -11.63
CA ARG B 141 -2.39 -9.44 -11.49
C ARG B 141 -3.72 -8.83 -12.02
N VAL B 142 -3.81 -7.50 -12.10
CA VAL B 142 -4.90 -6.80 -12.81
C VAL B 142 -4.42 -6.41 -14.19
N LYS B 143 -4.99 -7.03 -15.23
CA LYS B 143 -4.51 -6.80 -16.59
C LYS B 143 -5.01 -5.49 -17.20
N ILE B 144 -6.13 -5.04 -16.68
CA ILE B 144 -6.87 -3.90 -17.29
C ILE B 144 -7.44 -3.05 -16.20
N TRP B 145 -7.06 -1.77 -16.25
CA TRP B 145 -7.57 -0.81 -15.25
C TRP B 145 -8.47 0.23 -15.94
N ASP B 146 -9.69 0.38 -15.39
CA ASP B 146 -10.51 1.56 -15.56
C ASP B 146 -9.90 2.66 -14.67
N VAL B 147 -9.03 3.41 -15.27
CA VAL B 147 -8.37 4.48 -14.52
C VAL B 147 -9.30 5.67 -14.17
N VAL B 148 -9.93 6.24 -15.20
CA VAL B 148 -10.95 7.27 -14.96
C VAL B 148 -12.30 6.81 -15.51
N ASN B 149 -13.29 6.95 -14.65
CA ASN B 149 -14.66 6.51 -14.94
C ASN B 149 -15.59 7.72 -15.02
N GLU B 150 -16.26 7.89 -16.15
CA GLU B 150 -17.40 8.86 -16.25
C GLU B 150 -17.00 10.28 -15.91
N ALA B 151 -16.00 10.83 -16.61
CA ALA B 151 -15.46 12.18 -16.34
C ALA B 151 -16.22 13.26 -17.12
N VAL B 152 -17.21 12.85 -17.89
CA VAL B 152 -17.84 13.79 -18.80
C VAL B 152 -19.29 13.83 -18.48
N SER B 153 -19.81 15.05 -18.39
CA SER B 153 -21.22 15.26 -18.16
C SER B 153 -22.03 14.74 -19.34
N ASP B 154 -23.35 14.67 -19.13
CA ASP B 154 -24.33 14.41 -20.17
C ASP B 154 -24.66 15.66 -21.00
N SER B 155 -23.97 16.75 -20.76
CA SER B 155 -23.78 17.69 -21.85
C SER B 155 -22.54 17.15 -22.60
N GLY B 156 -21.75 18.07 -23.11
CA GLY B 156 -20.49 17.60 -23.58
C GLY B 156 -19.48 18.43 -22.87
N THR B 157 -19.63 18.53 -21.54
CA THR B 157 -18.65 19.21 -20.66
C THR B 157 -17.96 18.27 -19.62
N TYR B 158 -16.93 18.77 -18.96
CA TYR B 158 -16.34 17.99 -17.86
C TYR B 158 -17.35 17.87 -16.75
N ARG B 159 -17.41 16.68 -16.17
CA ARG B 159 -18.34 16.45 -15.09
C ARG B 159 -17.77 17.15 -13.85
N GLU B 160 -18.64 17.85 -13.10
CA GLU B 160 -18.23 18.73 -12.03
C GLU B 160 -18.13 17.92 -10.71
N SER B 161 -17.24 16.92 -10.74
CA SER B 161 -16.94 16.06 -9.60
C SER B 161 -15.95 16.70 -8.62
N VAL B 162 -15.88 16.18 -7.40
CA VAL B 162 -14.89 16.68 -6.43
C VAL B 162 -13.47 16.86 -7.03
N TRP B 163 -13.05 15.87 -7.84
CA TRP B 163 -11.79 15.87 -8.58
C TRP B 163 -11.73 17.05 -9.53
N TYR B 164 -12.75 17.18 -10.36
CA TYR B 164 -12.73 18.24 -11.35
C TYR B 164 -12.76 19.61 -10.68
N LYS B 165 -13.68 19.78 -9.72
CA LYS B 165 -13.90 21.10 -9.10
C LYS B 165 -12.67 21.59 -8.33
N THR B 166 -11.98 20.64 -7.71
CA THR B 166 -10.81 20.87 -6.90
C THR B 166 -9.53 20.96 -7.69
N ILE B 167 -9.36 20.08 -8.67
CA ILE B 167 -8.07 20.00 -9.28
C ILE B 167 -7.97 20.67 -10.68
N GLY B 168 -9.09 20.75 -11.36
CA GLY B 168 -9.11 21.01 -12.79
C GLY B 168 -8.93 19.74 -13.63
N PRO B 169 -9.00 19.87 -14.97
CA PRO B 169 -8.93 18.75 -15.88
C PRO B 169 -7.66 17.94 -15.70
N GLU B 170 -6.62 18.54 -15.14
CA GLU B 170 -5.33 17.84 -15.08
C GLU B 170 -5.39 16.53 -14.27
N TYR B 171 -6.41 16.36 -13.42
CA TYR B 171 -6.49 15.16 -12.66
C TYR B 171 -6.56 13.93 -13.54
N ILE B 172 -7.03 14.11 -14.77
CA ILE B 172 -7.27 12.95 -15.63
C ILE B 172 -5.95 12.46 -16.16
N GLU B 173 -5.15 13.36 -16.76
CA GLU B 173 -3.84 12.97 -17.23
C GLU B 173 -2.95 12.41 -16.11
N LYS B 174 -2.99 13.08 -14.98
CA LYS B 174 -2.22 12.62 -13.83
C LYS B 174 -2.60 11.23 -13.39
N ALA B 175 -3.90 10.97 -13.30
CA ALA B 175 -4.35 9.64 -12.92
C ALA B 175 -3.75 8.61 -13.86
N PHE B 176 -3.81 8.81 -15.18
CA PHE B 176 -3.18 7.85 -16.08
C PHE B 176 -1.69 7.70 -15.88
N ARG B 177 -0.95 8.81 -15.80
CA ARG B 177 0.48 8.75 -15.61
C ARG B 177 0.83 8.08 -14.29
N TRP B 178 0.16 8.44 -13.20
CA TRP B 178 0.45 7.71 -11.97
C TRP B 178 0.17 6.22 -12.04
N THR B 179 -0.91 5.84 -12.74
CA THR B 179 -1.30 4.45 -12.84
C THR B 179 -0.23 3.71 -13.64
N LYS B 180 0.19 4.29 -14.77
CA LYS B 180 1.30 3.68 -15.57
C LYS B 180 2.62 3.45 -14.79
N GLU B 181 3.02 4.46 -14.00
CA GLU B 181 4.17 4.32 -13.12
C GLU B 181 4.06 3.12 -12.20
N ALA B 182 2.92 2.95 -11.57
CA ALA B 182 2.78 1.92 -10.55
C ALA B 182 2.65 0.51 -11.16
N ASP B 183 2.12 0.45 -12.37
CA ASP B 183 2.06 -0.79 -13.10
C ASP B 183 2.20 -0.59 -14.60
N PRO B 184 3.45 -0.59 -15.12
CA PRO B 184 3.71 -0.36 -16.58
C PRO B 184 3.09 -1.41 -17.53
N ASP B 185 2.75 -2.56 -16.97
CA ASP B 185 2.10 -3.60 -17.82
C ASP B 185 0.58 -3.62 -17.93
N ALA B 186 -0.09 -2.88 -17.05
CA ALA B 186 -1.54 -2.80 -17.10
C ALA B 186 -2.00 -2.00 -18.32
N ILE B 187 -3.11 -2.42 -18.91
CA ILE B 187 -3.82 -1.67 -19.96
C ILE B 187 -4.75 -0.70 -19.28
N LEU B 188 -4.52 0.58 -19.60
CA LEU B 188 -5.14 1.68 -18.95
C LEU B 188 -6.27 2.26 -19.86
N ILE B 189 -7.47 2.32 -19.32
CA ILE B 189 -8.60 2.79 -20.09
C ILE B 189 -9.43 3.83 -19.31
N TYR B 190 -10.09 4.65 -20.11
CA TYR B 190 -11.15 5.56 -19.81
C TYR B 190 -12.50 4.84 -20.04
N ASN B 191 -13.36 4.75 -19.01
CA ASN B 191 -14.65 4.00 -19.15
C ASN B 191 -15.76 5.02 -18.93
N ASP B 192 -16.83 4.93 -19.72
CA ASP B 192 -17.97 5.87 -19.75
C ASP B 192 -19.21 5.22 -20.39
N TYR B 193 -20.39 5.69 -19.98
CA TYR B 193 -21.68 5.31 -20.62
C TYR B 193 -22.22 6.31 -21.66
N SER B 194 -23.18 5.87 -22.45
CA SER B 194 -23.83 6.76 -23.48
C SER B 194 -22.85 7.38 -24.44
N ILE B 195 -21.72 6.69 -24.64
CA ILE B 195 -20.74 7.15 -25.64
C ILE B 195 -20.49 6.17 -26.76
N GLU B 196 -21.40 5.22 -26.87
CA GLU B 196 -21.31 4.19 -27.94
C GLU B 196 -21.43 4.73 -29.36
N GLU B 197 -22.49 5.54 -29.57
CA GLU B 197 -22.73 6.23 -30.86
C GLU B 197 -21.95 7.53 -30.90
N ILE B 198 -21.71 8.01 -32.13
CA ILE B 198 -21.30 9.37 -32.33
C ILE B 198 -22.33 10.36 -31.80
N ASN B 199 -21.94 11.14 -30.77
CA ASN B 199 -22.82 12.15 -30.23
C ASN B 199 -22.02 13.26 -29.53
N ALA B 200 -22.66 14.17 -28.80
CA ALA B 200 -21.92 15.31 -28.22
C ALA B 200 -20.98 14.76 -27.16
N LYS B 201 -21.48 13.79 -26.36
CA LYS B 201 -20.71 13.17 -25.28
C LYS B 201 -19.47 12.40 -25.77
N SER B 202 -19.65 11.48 -26.72
CA SER B 202 -18.52 10.76 -27.36
C SER B 202 -17.51 11.63 -28.13
N ASN B 203 -18.00 12.70 -28.79
CA ASN B 203 -17.17 13.74 -29.47
C ASN B 203 -16.32 14.41 -28.43
N PHE B 204 -16.91 14.69 -27.27
CA PHE B 204 -16.13 15.30 -26.17
C PHE B 204 -15.04 14.31 -25.66
N VAL B 205 -15.42 13.05 -25.42
CA VAL B 205 -14.48 12.01 -25.00
C VAL B 205 -13.42 11.80 -26.09
N TYR B 206 -13.87 11.73 -27.32
CA TYR B 206 -12.92 11.67 -28.45
C TYR B 206 -11.85 12.75 -28.36
N ASN B 207 -12.28 14.01 -28.30
CA ASN B 207 -11.33 15.12 -28.26
C ASN B 207 -10.47 15.08 -27.02
N MET B 208 -11.10 14.73 -25.90
CA MET B 208 -10.35 14.55 -24.70
C MET B 208 -9.21 13.52 -24.81
N ILE B 209 -9.49 12.32 -25.36
CA ILE B 209 -8.49 11.28 -25.40
C ILE B 209 -7.47 11.63 -26.50
N LYS B 210 -7.94 12.28 -27.55
CA LYS B 210 -7.03 12.64 -28.65
C LYS B 210 -5.94 13.58 -28.13
N GLU B 211 -6.37 14.54 -27.32
CA GLU B 211 -5.46 15.50 -26.69
C GLU B 211 -4.58 14.90 -25.62
N LEU B 212 -5.12 14.04 -24.77
CA LEU B 212 -4.26 13.28 -23.87
C LEU B 212 -3.17 12.46 -24.56
N LYS B 213 -3.50 11.67 -25.56
CA LYS B 213 -2.48 10.89 -26.23
C LYS B 213 -1.41 11.72 -26.97
N GLU B 214 -1.80 12.86 -27.53
CA GLU B 214 -0.87 13.82 -28.19
C GLU B 214 0.22 14.24 -27.23
N LYS B 215 -0.15 14.39 -25.96
CA LYS B 215 0.80 14.75 -24.91
C LYS B 215 1.55 13.54 -24.34
N GLY B 216 1.37 12.36 -24.95
CA GLY B 216 1.98 11.13 -24.46
C GLY B 216 1.37 10.60 -23.18
N VAL B 217 0.16 11.02 -22.85
CA VAL B 217 -0.54 10.40 -21.66
C VAL B 217 -0.82 8.93 -22.02
N PRO B 218 -0.52 8.00 -21.11
CA PRO B 218 -0.74 6.59 -21.48
C PRO B 218 -2.21 6.08 -21.43
N VAL B 219 -3.10 6.65 -22.25
CA VAL B 219 -4.48 6.12 -22.39
C VAL B 219 -4.48 4.98 -23.40
N ASP B 220 -4.41 3.73 -22.93
CA ASP B 220 -4.26 2.58 -23.85
C ASP B 220 -5.56 2.18 -24.56
N GLY B 221 -6.69 2.48 -23.93
CA GLY B 221 -7.97 2.01 -24.39
C GLY B 221 -9.13 2.86 -23.92
N ILE B 222 -10.31 2.53 -24.44
CA ILE B 222 -11.58 3.15 -24.07
C ILE B 222 -12.59 2.04 -23.68
N GLY B 223 -13.32 2.27 -22.59
CA GLY B 223 -14.43 1.37 -22.24
C GLY B 223 -15.78 1.99 -22.62
N PHE B 224 -16.60 1.24 -23.37
CA PHE B 224 -17.98 1.62 -23.70
C PHE B 224 -18.83 0.73 -22.76
N GLN B 225 -19.46 1.36 -21.80
CA GLN B 225 -20.20 0.60 -20.79
C GLN B 225 -21.31 -0.26 -21.37
N MET B 226 -22.08 0.29 -22.32
CA MET B 226 -23.13 -0.46 -23.04
C MET B 226 -24.31 -0.82 -22.10
N HIS B 227 -24.66 0.14 -21.24
CA HIS B 227 -25.95 0.14 -20.58
C HIS B 227 -27.04 0.61 -21.52
N ILE B 228 -27.56 -0.34 -22.29
CA ILE B 228 -28.53 -0.02 -23.30
C ILE B 228 -29.91 -0.62 -22.98
N ASP B 229 -30.89 -0.34 -23.84
CA ASP B 229 -32.21 -0.94 -23.65
C ASP B 229 -32.80 -1.64 -24.86
N TYR B 230 -34.05 -2.04 -24.76
CA TYR B 230 -34.68 -2.76 -25.89
C TYR B 230 -34.72 -1.98 -27.20
N ARG B 231 -34.43 -0.68 -27.16
CA ARG B 231 -34.41 0.12 -28.45
C ARG B 231 -33.09 -0.05 -29.20
N GLY B 232 -32.08 -0.63 -28.55
CA GLY B 232 -30.82 -0.89 -29.20
C GLY B 232 -29.98 0.35 -29.39
N LEU B 233 -29.17 0.35 -30.46
CA LEU B 233 -28.38 1.55 -30.83
C LEU B 233 -28.55 1.83 -32.31
N ASN B 234 -28.15 3.04 -32.73
CA ASN B 234 -27.94 3.32 -34.15
C ASN B 234 -26.65 2.60 -34.53
N TYR B 235 -26.77 1.44 -35.19
CA TYR B 235 -25.63 0.54 -35.40
C TYR B 235 -24.59 1.12 -36.33
N ASP B 236 -25.03 1.93 -37.28
CA ASP B 236 -24.08 2.51 -38.23
C ASP B 236 -23.30 3.56 -37.40
N SER B 237 -23.97 4.27 -36.50
CA SER B 237 -23.20 5.31 -35.75
C SER B 237 -22.14 4.61 -34.81
N PHE B 238 -22.59 3.60 -34.06
CA PHE B 238 -21.70 2.76 -33.19
C PHE B 238 -20.49 2.26 -33.98
N ARG B 239 -20.75 1.68 -35.14
CA ARG B 239 -19.68 1.18 -36.04
C ARG B 239 -18.61 2.26 -36.44
N ARG B 240 -19.08 3.44 -36.83
CA ARG B 240 -18.19 4.56 -37.14
C ARG B 240 -17.50 5.11 -35.91
N ASN B 241 -18.16 4.98 -34.77
CA ASN B 241 -17.61 5.44 -33.50
C ASN B 241 -16.46 4.51 -33.09
N LEU B 242 -16.66 3.19 -33.17
CA LEU B 242 -15.61 2.20 -32.89
C LEU B 242 -14.39 2.45 -33.77
N GLU B 243 -14.61 2.77 -35.03
CA GLU B 243 -13.52 3.04 -36.00
C GLU B 243 -12.68 4.29 -35.62
N ARG B 244 -13.34 5.40 -35.32
CA ARG B 244 -12.60 6.60 -35.01
C ARG B 244 -11.82 6.42 -33.72
N PHE B 245 -12.43 5.80 -32.69
CA PHE B 245 -11.64 5.52 -31.49
C PHE B 245 -10.50 4.56 -31.76
N ALA B 246 -10.70 3.53 -32.53
CA ALA B 246 -9.60 2.65 -32.85
C ALA B 246 -8.50 3.39 -33.61
N LYS B 247 -8.86 4.38 -34.44
CA LYS B 247 -7.78 5.08 -35.20
C LYS B 247 -6.95 5.99 -34.31
N LEU B 248 -7.43 6.31 -33.11
CA LEU B 248 -6.62 7.03 -32.11
C LEU B 248 -5.53 6.08 -31.59
N GLY B 249 -5.65 4.81 -31.97
CA GLY B 249 -4.71 3.74 -31.58
C GLY B 249 -5.06 3.14 -30.23
N LEU B 250 -6.36 3.14 -29.90
CA LEU B 250 -6.95 2.55 -28.68
C LEU B 250 -7.40 1.10 -28.84
N GLN B 251 -7.19 0.34 -27.79
CA GLN B 251 -7.83 -0.98 -27.64
C GLN B 251 -9.24 -0.65 -27.18
N ILE B 252 -10.18 -1.54 -27.44
CA ILE B 252 -11.59 -1.18 -27.15
C ILE B 252 -12.14 -2.23 -26.23
N TYR B 253 -12.87 -1.81 -25.21
CA TYR B 253 -13.46 -2.77 -24.29
C TYR B 253 -14.92 -2.45 -24.24
N ILE B 254 -15.79 -3.44 -24.34
CA ILE B 254 -17.20 -3.23 -24.00
C ILE B 254 -17.25 -3.75 -22.58
N THR B 255 -17.66 -2.89 -21.63
CA THR B 255 -17.27 -3.16 -20.27
C THR B 255 -18.39 -3.57 -19.37
N GLU B 256 -19.59 -3.05 -19.60
CA GLU B 256 -20.67 -3.22 -18.57
C GLU B 256 -22.00 -3.56 -19.22
N MET B 257 -21.99 -4.41 -20.21
CA MET B 257 -23.21 -4.52 -21.00
C MET B 257 -24.43 -5.07 -20.27
N ASP B 258 -25.54 -4.39 -20.49
CA ASP B 258 -26.87 -4.98 -20.17
C ASP B 258 -27.93 -4.34 -21.05
N VAL B 259 -28.98 -5.10 -21.35
CA VAL B 259 -30.00 -4.70 -22.30
C VAL B 259 -31.34 -4.77 -21.55
N ARG B 260 -31.67 -3.66 -20.93
CA ARG B 260 -32.82 -3.62 -20.00
C ARG B 260 -34.09 -3.56 -20.85
N ILE B 261 -35.11 -4.28 -20.39
CA ILE B 261 -36.39 -4.41 -21.05
C ILE B 261 -37.49 -4.06 -20.01
N PRO B 262 -38.67 -3.60 -20.49
CA PRO B 262 -39.77 -3.32 -19.54
C PRO B 262 -40.18 -4.58 -18.79
N LEU B 263 -40.53 -4.44 -17.52
CA LEU B 263 -40.98 -5.61 -16.75
C LEU B 263 -42.47 -5.94 -17.00
N SER B 264 -43.19 -4.93 -17.45
CA SER B 264 -44.56 -5.02 -17.95
C SER B 264 -44.56 -5.34 -19.45
N GLY B 265 -45.51 -6.16 -19.87
CA GLY B 265 -45.79 -6.32 -21.32
C GLY B 265 -44.98 -7.44 -21.95
N SER B 266 -45.33 -7.82 -23.18
CA SER B 266 -44.87 -9.11 -23.76
C SER B 266 -43.42 -9.48 -23.46
N GLU B 267 -43.23 -10.27 -22.41
CA GLU B 267 -41.90 -10.79 -22.17
C GLU B 267 -41.19 -11.41 -23.40
N ASP B 268 -41.83 -12.30 -24.14
CA ASP B 268 -41.14 -13.05 -25.21
C ASP B 268 -40.70 -12.10 -26.34
N TYR B 269 -41.54 -11.10 -26.56
CA TYR B 269 -41.25 -10.06 -27.56
C TYR B 269 -39.95 -9.29 -27.19
N TYR B 270 -39.91 -8.78 -25.97
CA TYR B 270 -38.70 -8.17 -25.46
C TYR B 270 -37.48 -9.09 -25.39
N LEU B 271 -37.64 -10.35 -24.93
CA LEU B 271 -36.51 -11.33 -24.94
C LEU B 271 -36.02 -11.58 -26.35
N LYS B 272 -36.95 -11.59 -27.30
CA LYS B 272 -36.56 -11.63 -28.69
C LYS B 272 -35.79 -10.38 -29.15
N LYS B 273 -36.32 -9.20 -28.84
CA LYS B 273 -35.63 -7.92 -29.12
C LYS B 273 -34.20 -7.91 -28.54
N GLN B 274 -34.10 -8.27 -27.27
CA GLN B 274 -32.78 -8.37 -26.57
C GLN B 274 -31.79 -9.29 -27.27
N ALA B 275 -32.29 -10.41 -27.79
CA ALA B 275 -31.40 -11.36 -28.38
C ALA B 275 -30.85 -10.73 -29.66
N GLU B 276 -31.71 -10.04 -30.43
CA GLU B 276 -31.32 -9.38 -31.68
C GLU B 276 -30.24 -8.30 -31.42
N ILE B 277 -30.50 -7.53 -30.39
CA ILE B 277 -29.59 -6.48 -29.97
C ILE B 277 -28.20 -7.06 -29.62
N CYS B 278 -28.18 -8.07 -28.75
CA CYS B 278 -26.91 -8.64 -28.37
C CYS B 278 -26.30 -9.21 -29.61
N ALA B 279 -27.04 -9.93 -30.43
CA ALA B 279 -26.36 -10.42 -31.66
C ALA B 279 -25.72 -9.34 -32.57
N LYS B 280 -26.47 -8.32 -32.89
CA LYS B 280 -25.93 -7.18 -33.65
C LYS B 280 -24.69 -6.49 -33.01
N ILE B 281 -24.76 -6.26 -31.71
CA ILE B 281 -23.60 -5.73 -30.97
C ILE B 281 -22.37 -6.67 -31.14
N PHE B 282 -22.55 -7.99 -30.98
CA PHE B 282 -21.42 -8.90 -31.18
C PHE B 282 -20.91 -8.93 -32.64
N ASP B 283 -21.83 -8.96 -33.62
CA ASP B 283 -21.41 -8.82 -35.05
C ASP B 283 -20.44 -7.65 -35.23
N ILE B 284 -20.89 -6.47 -34.81
CA ILE B 284 -20.17 -5.23 -35.09
C ILE B 284 -18.85 -5.30 -34.35
N CYS B 285 -18.89 -5.77 -33.10
CA CYS B 285 -17.65 -5.87 -32.32
C CYS B 285 -16.63 -6.81 -32.90
N LEU B 286 -17.06 -8.02 -33.28
CA LEU B 286 -16.15 -9.02 -33.83
C LEU B 286 -15.59 -8.60 -35.20
N ASP B 287 -16.24 -7.64 -35.83
CA ASP B 287 -15.79 -7.10 -37.08
C ASP B 287 -14.60 -6.11 -36.93
N ASN B 288 -14.37 -5.64 -35.72
CA ASN B 288 -13.33 -4.63 -35.48
C ASN B 288 -12.32 -5.20 -34.50
N PRO B 289 -11.14 -5.51 -35.00
CA PRO B 289 -10.16 -6.27 -34.18
C PRO B 289 -9.57 -5.44 -32.99
N ALA B 290 -9.85 -4.14 -32.92
CA ALA B 290 -9.42 -3.34 -31.76
C ALA B 290 -10.29 -3.67 -30.55
N VAL B 291 -11.42 -4.35 -30.77
CA VAL B 291 -12.25 -4.76 -29.62
C VAL B 291 -11.73 -6.04 -28.95
N LYS B 292 -11.25 -5.94 -27.72
CA LYS B 292 -10.51 -7.04 -27.11
C LYS B 292 -11.30 -7.84 -26.07
N ALA B 293 -12.33 -7.22 -25.53
CA ALA B 293 -13.18 -7.92 -24.56
C ALA B 293 -14.56 -7.39 -24.64
N ILE B 294 -15.52 -8.26 -24.35
CA ILE B 294 -16.90 -7.89 -24.06
C ILE B 294 -17.40 -8.51 -22.73
N GLN B 295 -17.80 -7.66 -21.82
CA GLN B 295 -18.33 -8.09 -20.56
C GLN B 295 -19.73 -7.57 -20.36
N PHE B 296 -20.50 -8.38 -19.61
CA PHE B 296 -21.82 -7.93 -19.14
C PHE B 296 -21.76 -7.49 -17.70
N TRP B 297 -22.59 -6.53 -17.31
CA TRP B 297 -22.53 -6.04 -15.95
C TRP B 297 -23.32 -6.99 -15.03
N GLY B 298 -22.76 -8.20 -14.93
CA GLY B 298 -23.41 -9.32 -14.30
C GLY B 298 -23.70 -10.41 -15.34
N PHE B 299 -24.48 -11.41 -14.97
CA PHE B 299 -24.77 -12.46 -15.95
C PHE B 299 -26.10 -13.12 -15.74
N THR B 300 -26.63 -13.08 -14.52
CA THR B 300 -27.94 -13.68 -14.18
C THR B 300 -28.83 -12.51 -13.74
N ASP B 301 -29.99 -12.43 -14.35
CA ASP B 301 -31.05 -11.52 -13.85
C ASP B 301 -31.28 -11.56 -12.29
N LYS B 302 -30.80 -12.59 -11.59
CA LYS B 302 -31.02 -12.67 -10.10
C LYS B 302 -30.23 -11.55 -9.38
N TYR B 303 -29.11 -11.16 -9.98
CA TYR B 303 -28.13 -10.22 -9.42
C TYR B 303 -27.78 -9.23 -10.51
N SER B 304 -28.53 -8.13 -10.56
CA SER B 304 -28.30 -7.06 -11.54
C SER B 304 -28.61 -5.73 -10.88
N TRP B 305 -27.79 -4.69 -11.16
CA TRP B 305 -28.11 -3.35 -10.66
C TRP B 305 -29.35 -2.75 -11.32
N VAL B 306 -29.70 -3.27 -12.52
CA VAL B 306 -30.74 -2.66 -13.36
C VAL B 306 -32.10 -2.38 -12.66
N PRO B 307 -32.70 -3.35 -11.97
CA PRO B 307 -34.03 -3.17 -11.40
C PRO B 307 -34.08 -2.01 -10.39
N GLY B 308 -33.02 -1.85 -9.62
CA GLY B 308 -32.98 -0.79 -8.59
C GLY B 308 -32.64 0.58 -9.12
N PHE B 309 -31.91 0.64 -10.24
CA PHE B 309 -31.49 1.91 -10.87
C PHE B 309 -32.48 2.42 -11.94
N PHE B 310 -32.94 1.53 -12.81
CA PHE B 310 -33.85 1.86 -13.88
C PHE B 310 -35.26 1.38 -13.55
N LYS B 311 -36.00 2.20 -12.80
CA LYS B 311 -37.28 1.76 -12.25
C LYS B 311 -38.20 1.32 -13.40
N GLY B 312 -38.88 0.19 -13.27
CA GLY B 312 -39.70 -0.33 -14.39
C GLY B 312 -39.05 -1.33 -15.38
N TYR B 313 -37.73 -1.52 -15.21
CA TYR B 313 -36.90 -2.30 -16.14
C TYR B 313 -36.07 -3.32 -15.39
N GLY B 314 -35.74 -4.40 -16.07
CA GLY B 314 -34.81 -5.41 -15.58
C GLY B 314 -34.57 -6.44 -16.69
N LYS B 315 -34.44 -7.71 -16.26
CA LYS B 315 -34.32 -8.85 -17.07
C LYS B 315 -33.26 -8.59 -18.18
N ALA B 316 -32.12 -8.00 -17.80
CA ALA B 316 -31.16 -7.42 -18.81
C ALA B 316 -29.89 -8.25 -19.09
N LEU B 317 -29.79 -9.45 -18.53
CA LEU B 317 -28.61 -10.23 -18.53
C LEU B 317 -28.72 -11.54 -19.38
N LEU B 318 -27.80 -12.47 -19.23
CA LEU B 318 -27.72 -13.60 -20.17
C LEU B 318 -28.53 -14.78 -19.72
N PHE B 319 -28.74 -14.89 -18.41
CA PHE B 319 -29.36 -16.04 -17.75
C PHE B 319 -30.47 -15.51 -16.88
N ASP B 320 -31.55 -16.24 -16.75
CA ASP B 320 -32.67 -15.79 -15.96
C ASP B 320 -32.32 -16.02 -14.48
N GLU B 321 -33.31 -15.89 -13.61
CA GLU B 321 -33.14 -16.02 -12.14
C GLU B 321 -32.83 -17.45 -11.64
N ASN B 322 -33.11 -18.44 -12.48
CA ASN B 322 -32.80 -19.84 -12.19
C ASN B 322 -31.51 -20.35 -12.92
N TYR B 323 -30.75 -19.39 -13.45
CA TYR B 323 -29.52 -19.65 -14.19
C TYR B 323 -29.74 -20.46 -15.46
N ASN B 324 -30.89 -20.30 -16.09
CA ASN B 324 -31.19 -20.94 -17.39
C ASN B 324 -30.94 -19.88 -18.42
N PRO B 325 -30.25 -20.24 -19.54
CA PRO B 325 -29.93 -19.26 -20.55
C PRO B 325 -31.17 -18.72 -21.23
N LYS B 326 -31.11 -17.45 -21.63
CA LYS B 326 -32.23 -16.78 -22.25
C LYS B 326 -31.93 -16.69 -23.72
N PRO B 327 -32.88 -16.17 -24.51
CA PRO B 327 -32.59 -16.13 -25.96
C PRO B 327 -31.31 -15.38 -26.40
N CYS B 328 -30.99 -14.25 -25.74
CA CYS B 328 -29.73 -13.59 -25.98
C CYS B 328 -28.45 -14.46 -25.89
N TYR B 329 -28.39 -15.28 -24.87
CA TYR B 329 -27.27 -16.22 -24.66
C TYR B 329 -27.06 -17.05 -25.92
N TYR B 330 -28.14 -17.64 -26.44
CA TYR B 330 -28.05 -18.45 -27.63
C TYR B 330 -27.71 -17.67 -28.87
N ALA B 331 -28.38 -16.51 -29.04
CA ALA B 331 -28.07 -15.59 -30.15
C ALA B 331 -26.59 -15.23 -30.20
N ILE B 332 -25.98 -14.82 -29.07
CA ILE B 332 -24.53 -14.47 -29.08
C ILE B 332 -23.64 -15.73 -29.41
N LYS B 333 -23.98 -16.85 -28.78
CA LYS B 333 -23.22 -18.11 -29.02
C LYS B 333 -23.18 -18.45 -30.52
N GLU B 334 -24.33 -18.27 -31.21
CA GLU B 334 -24.40 -18.55 -32.63
C GLU B 334 -23.57 -17.57 -33.49
N VAL B 335 -23.55 -16.27 -33.12
CA VAL B 335 -22.67 -15.30 -33.77
C VAL B 335 -21.19 -15.68 -33.56
N LEU B 336 -20.83 -16.04 -32.32
CA LEU B 336 -19.47 -16.51 -32.04
C LEU B 336 -19.10 -17.76 -32.83
N GLU B 337 -19.98 -18.76 -32.83
CA GLU B 337 -19.69 -19.98 -33.60
C GLU B 337 -19.53 -19.72 -35.10
N LYS B 338 -20.33 -18.79 -35.63
CA LYS B 338 -20.32 -18.50 -37.08
C LYS B 338 -19.04 -17.77 -37.43
N LYS B 339 -18.57 -16.92 -36.52
CA LYS B 339 -17.39 -16.13 -36.83
C LYS B 339 -16.12 -17.00 -36.87
N ILE B 340 -16.13 -18.05 -36.06
CA ILE B 340 -15.05 -19.09 -36.01
C ILE B 340 -15.03 -19.96 -37.30
N GLU B 341 -16.21 -20.33 -37.84
CA GLU B 341 -16.22 -20.79 -39.23
C GLU B 341 -15.97 -19.55 -40.13
O1 XYP C . 15.71 -4.54 20.68
C1 XYP C . 14.48 -3.86 21.00
C2 XYP C . 13.56 -3.91 19.79
C3 XYP C . 12.39 -2.99 20.15
C4 XYP C . 11.75 -3.54 21.42
C5 XYP C . 12.71 -3.67 22.59
O2 XYP C . 14.24 -3.58 18.55
O3 XYP C . 11.39 -3.08 19.16
O4 XYP C . 10.68 -2.65 21.69
O5 XYP C . 13.83 -4.47 22.15
C1 XYP C . 9.70 -3.17 22.88
C2 XYP C . 8.83 -1.96 23.26
C3 XYP C . 7.70 -2.55 24.12
C4 XYP C . 7.07 -3.78 23.46
C5 XYP C . 8.11 -4.83 23.12
O2 XYP C . 9.63 -0.94 23.92
O3 XYP C . 6.65 -1.58 24.23
O4 XYP C . 6.10 -4.42 24.29
O5 XYP C . 9.03 -4.25 22.20
O1 XYP D . -21.57 3.39 -15.18
C1 XYP D . -21.60 2.25 -14.31
C2 XYP D . -20.43 2.32 -13.32
C3 XYP D . -20.49 1.14 -12.37
C4 XYP D . -21.81 1.18 -11.72
C5 XYP D . -22.95 1.06 -12.71
O2 XYP D . -19.19 2.23 -14.01
O3 XYP D . -19.53 1.24 -11.32
O4 XYP D . -21.73 0.02 -10.92
O5 XYP D . -22.86 2.18 -13.62
C1 XYP D . -22.97 -0.01 -9.89
C2 XYP D . -23.16 -1.39 -9.27
C3 XYP D . -24.21 -1.30 -8.15
C4 XYP D . -23.91 -0.07 -7.31
C5 XYP D . -23.93 1.12 -8.23
O2 XYP D . -23.55 -2.25 -10.36
O3 XYP D . -24.24 -2.50 -7.39
O4 XYP D . -24.89 0.15 -6.28
O5 XYP D . -22.73 1.06 -8.98
C ACT E . 31.30 -14.10 23.82
O ACT E . 31.50 -15.34 24.14
OXT ACT E . 32.03 -13.50 22.94
CH3 ACT E . 30.17 -13.39 24.52
S SO4 F . -0.94 12.23 34.86
O1 SO4 F . -1.81 12.82 33.83
O2 SO4 F . -0.01 13.26 35.33
O3 SO4 F . -0.11 11.16 34.29
O4 SO4 F . -1.77 11.65 35.93
S SO4 G . -6.97 -2.73 13.31
O1 SO4 G . -7.83 -1.71 13.95
O2 SO4 G . -6.37 -2.22 12.06
O3 SO4 G . -7.78 -3.97 13.08
O4 SO4 G . -5.90 -3.18 14.21
C ACT H . -25.45 4.87 -16.52
O ACT H . -25.62 5.72 -15.62
OXT ACT H . -26.31 4.79 -17.43
CH3 ACT H . -24.25 4.00 -16.42
S SO4 I . -13.40 -29.40 -29.46
O1 SO4 I . -13.20 -29.11 -28.04
O2 SO4 I . -12.84 -28.29 -30.25
O3 SO4 I . -14.85 -29.50 -29.69
O4 SO4 I . -12.71 -30.65 -29.84
S SO4 J . -18.07 6.86 6.08
O1 SO4 J . -19.36 6.25 6.41
O2 SO4 J . -17.82 6.83 4.62
O3 SO4 J . -17.06 6.09 6.81
O4 SO4 J . -18.07 8.23 6.61
#